data_5CQG
#
_entry.id   5CQG
#
_cell.length_a   117.719
_cell.length_b   84.902
_cell.length_c   123.333
_cell.angle_alpha   90.00
_cell.angle_beta   116.20
_cell.angle_gamma   90.00
#
_symmetry.space_group_name_H-M   'P 1 21 1'
#
loop_
_entity.id
_entity.type
_entity.pdbx_description
1 polymer 'Telomerase reverse transcriptase'
2 non-polymer '2-{[(2E)-3-(naphthalen-2-yl)but-2-enoyl]amino}benzoic acid'
3 water water
#
_entity_poly.entity_id   1
_entity_poly.type   'polypeptide(L)'
_entity_poly.pdbx_seq_one_letter_code
;MVHYYRLSLKSRQKAPKIVNSKYNSILNIALKNFRLCKKHKTKKPVQILALLQEIIPKSYFGTTTNLKRFYKVVEKILTQ
SSFECIHLSVLHKCYDYDAIPWLQNVEPNLRPKLLLKHNLFLLDNIVKPIIAFYYKPIKTLNGHEIKFIRKEEYISFESK
VFHKLKKMKYLVEVQDEVKPRGVLNIIPKQDNFRAIVSIFPDSARKPFFKLLTSKIYKVLEEKYKTSGSLYTCWSEFTQK
TQGQIYGIKVDIRDAYGNVKIPVLCKLIQSIPTHLLDSEKKNFIVDHISNQFVAFRRKIYKWNHGLLQGDPLSGCLCELY
MAFMDRLYFSNLDKDAFIHRTVDDYFFCSPHPHKVYDFELLIKGVYQVNPTKTRTNLPTHRHPQDEIPYCGKIFNLTTRQ
VRTLYKLPPNYEIRHKFKLWNFNNQISDDNPARFLQKAMDFPFICNSFTKFEFNTVFNDQRTVFANFYDAMICVAYKFDA
AMMALRTSFLVNDFGFIWLVLSSTVRAYASRAFKKIVTYKGGKYRKVTFQCLKSIAWRAFLAVLKRRTEIYKGLIDRIKS
REKLTMKFHDGEVDASYFCKLPEKFRFVKINRKASI
;
_entity_poly.pdbx_strand_id   A,B
#
loop_
_chem_comp.id
_chem_comp.type
_chem_comp.name
_chem_comp.formula
55C non-polymer '2-{[(2E)-3-(naphthalen-2-yl)but-2-enoyl]amino}benzoic acid' 'C21 H17 N O3'
#
# COMPACT_ATOMS: atom_id res chain seq x y z
N MET A 1 -30.17 3.44 4.40
CA MET A 1 -28.82 4.06 4.18
C MET A 1 -28.22 4.63 5.47
N VAL A 2 -28.92 5.58 6.11
CA VAL A 2 -28.33 6.39 7.21
C VAL A 2 -28.38 5.75 8.59
N HIS A 3 -27.21 5.56 9.20
CA HIS A 3 -27.08 4.90 10.50
C HIS A 3 -26.60 5.82 11.59
N TYR A 4 -25.97 6.93 11.19
CA TYR A 4 -25.20 7.78 12.09
C TYR A 4 -25.85 9.14 12.36
N TYR A 5 -25.71 9.61 13.59
CA TYR A 5 -25.94 11.01 13.92
C TYR A 5 -24.57 11.64 14.17
N ARG A 6 -24.29 12.74 13.52
CA ARG A 6 -23.01 13.37 13.65
C ARG A 6 -23.00 14.19 14.91
N LEU A 7 -21.89 14.17 15.65
CA LEU A 7 -21.80 14.94 16.92
C LEU A 7 -21.47 16.43 16.74
N SER A 8 -21.02 16.80 15.54
CA SER A 8 -20.61 18.16 15.25
C SER A 8 -21.70 19.22 15.50
N LEU A 9 -21.29 20.32 16.11
CA LEU A 9 -22.17 21.45 16.36
C LEU A 9 -22.64 22.07 15.04
N LYS A 10 -21.79 21.99 14.02
CA LYS A 10 -22.04 22.57 12.70
C LYS A 10 -23.42 22.24 12.13
N SER A 11 -23.99 21.12 12.54
CA SER A 11 -25.29 20.69 12.02
C SER A 11 -26.48 21.12 12.89
N ARG A 12 -26.24 21.93 13.92
CA ARG A 12 -27.32 22.39 14.82
C ARG A 12 -28.35 23.20 14.04
N GLN A 13 -29.56 23.25 14.56
CA GLN A 13 -30.60 24.07 13.97
C GLN A 13 -30.96 25.26 14.84
N LYS A 14 -31.46 26.33 14.19
CA LYS A 14 -32.07 27.46 14.87
C LYS A 14 -33.48 27.05 15.33
N ALA A 15 -33.70 27.08 16.64
CA ALA A 15 -34.97 26.59 17.22
C ALA A 15 -36.13 27.50 16.88
N PRO A 16 -37.27 26.91 16.51
CA PRO A 16 -38.52 27.68 16.43
C PRO A 16 -38.93 28.15 17.82
N LYS A 17 -39.97 28.99 17.89
CA LYS A 17 -40.57 29.37 19.17
C LYS A 17 -41.38 28.23 19.76
N ILE A 18 -42.25 27.64 18.95
CA ILE A 18 -42.99 26.43 19.36
C ILE A 18 -42.88 25.36 18.27
N VAL A 19 -43.37 24.15 18.54
CA VAL A 19 -43.27 23.05 17.57
C VAL A 19 -44.54 22.92 16.71
N ASN A 20 -44.45 22.11 15.65
CA ASN A 20 -45.56 21.94 14.70
C ASN A 20 -46.47 20.76 15.02
N SER A 21 -47.26 20.32 14.03
CA SER A 21 -48.20 19.21 14.21
C SER A 21 -47.53 17.90 14.60
N LYS A 22 -46.29 17.72 14.14
CA LYS A 22 -45.57 16.46 14.29
C LYS A 22 -45.19 16.15 15.75
N TYR A 23 -44.71 17.17 16.45
CA TYR A 23 -44.09 16.99 17.77
C TYR A 23 -45.05 17.19 18.92
N ASN A 24 -44.81 16.44 20.00
CA ASN A 24 -45.54 16.61 21.23
C ASN A 24 -45.23 17.95 21.87
N SER A 25 -46.27 18.57 22.45
CA SER A 25 -46.17 19.90 23.06
C SER A 25 -45.13 20.03 24.16
N ILE A 26 -44.75 18.92 24.77
CA ILE A 26 -43.73 18.95 25.82
C ILE A 26 -42.44 19.67 25.36
N LEU A 27 -42.14 19.58 24.06
CA LEU A 27 -40.98 20.26 23.49
C LEU A 27 -41.04 21.79 23.59
N ASN A 28 -42.25 22.36 23.59
CA ASN A 28 -42.41 23.79 23.82
C ASN A 28 -41.88 24.31 25.18
N ILE A 29 -42.03 23.49 26.24
CA ILE A 29 -41.55 23.84 27.57
C ILE A 29 -40.03 24.02 27.54
N ALA A 30 -39.35 23.01 27.01
CA ALA A 30 -37.90 23.02 26.84
C ALA A 30 -37.41 24.19 25.98
N LEU A 31 -38.08 24.45 24.87
CA LEU A 31 -37.78 25.62 24.03
C LEU A 31 -37.83 26.90 24.86
N LYS A 32 -38.86 26.97 25.70
CA LYS A 32 -39.13 28.11 26.58
C LYS A 32 -37.97 28.30 27.56
N ASN A 33 -37.72 27.26 28.36
CA ASN A 33 -36.59 27.22 29.29
C ASN A 33 -35.25 27.47 28.61
N PHE A 34 -35.12 27.06 27.35
CA PHE A 34 -33.92 27.39 26.57
C PHE A 34 -33.77 28.90 26.38
N ARG A 35 -34.83 29.55 25.91
CA ARG A 35 -34.84 31.00 25.77
C ARG A 35 -34.63 31.74 27.12
N LEU A 36 -35.22 31.20 28.21
CA LEU A 36 -35.10 31.79 29.54
C LEU A 36 -33.66 31.74 30.02
N CYS A 37 -33.02 30.59 29.84
CA CYS A 37 -31.62 30.37 30.21
C CYS A 37 -30.69 31.36 29.48
N LYS A 38 -30.94 31.58 28.19
CA LYS A 38 -30.13 32.50 27.39
C LYS A 38 -30.22 33.93 27.88
N LYS A 39 -31.37 34.31 28.43
CA LYS A 39 -31.61 35.68 28.91
C LYS A 39 -31.04 35.94 30.30
N HIS A 40 -30.95 34.89 31.11
CA HIS A 40 -30.39 35.00 32.45
C HIS A 40 -28.91 35.24 32.44
N LYS A 41 -28.51 36.44 32.86
CA LYS A 41 -27.09 36.75 33.00
C LYS A 41 -26.63 36.40 34.41
N THR A 42 -25.86 35.32 34.51
CA THR A 42 -25.34 34.82 35.77
C THR A 42 -23.83 35.03 35.86
N LYS A 43 -23.35 35.34 37.06
CA LYS A 43 -21.92 35.57 37.31
C LYS A 43 -21.08 34.29 37.26
N LYS A 44 -21.64 33.19 37.79
CA LYS A 44 -20.89 31.94 38.00
C LYS A 44 -20.97 30.93 36.84
N PRO A 45 -19.80 30.38 36.44
CA PRO A 45 -19.57 29.51 35.28
C PRO A 45 -20.65 28.47 34.98
N VAL A 46 -20.79 28.18 33.69
CA VAL A 46 -21.90 27.40 33.18
C VAL A 46 -21.52 25.92 33.05
N GLN A 47 -22.23 25.06 33.77
CA GLN A 47 -22.15 23.62 33.55
C GLN A 47 -23.30 23.12 32.65
N ILE A 48 -22.98 22.73 31.43
CA ILE A 48 -24.01 22.45 30.42
C ILE A 48 -24.99 21.33 30.87
N LEU A 49 -24.45 20.24 31.39
CA LEU A 49 -25.27 19.11 31.88
C LEU A 49 -26.30 19.62 32.88
N ALA A 50 -25.83 20.41 33.84
CA ALA A 50 -26.69 21.03 34.85
C ALA A 50 -27.74 22.00 34.30
N LEU A 51 -27.38 22.81 33.30
CA LEU A 51 -28.36 23.73 32.70
C LEU A 51 -29.42 22.93 31.98
N LEU A 52 -28.96 21.93 31.24
CA LEU A 52 -29.84 21.18 30.34
C LEU A 52 -30.90 20.42 31.15
N GLN A 53 -30.50 19.99 32.36
CA GLN A 53 -31.39 19.28 33.25
C GLN A 53 -32.49 20.18 33.86
N GLU A 54 -32.29 21.50 33.78
CA GLU A 54 -33.34 22.45 34.09
C GLU A 54 -34.18 22.82 32.86
N ILE A 55 -33.56 22.73 31.68
CA ILE A 55 -34.19 23.16 30.46
C ILE A 55 -35.16 22.10 29.96
N ILE A 56 -34.70 20.85 29.88
CA ILE A 56 -35.55 19.72 29.51
C ILE A 56 -36.19 19.11 30.75
N PRO A 57 -37.52 19.24 30.86
CA PRO A 57 -38.17 18.82 32.10
C PRO A 57 -38.10 17.32 32.24
N LYS A 58 -38.04 16.84 33.48
CA LYS A 58 -37.84 15.41 33.69
C LYS A 58 -38.96 14.56 33.13
N SER A 59 -40.13 15.15 33.03
CA SER A 59 -41.29 14.45 32.45
C SER A 59 -41.07 14.05 30.99
N TYR A 60 -40.09 14.66 30.32
CA TYR A 60 -39.76 14.22 28.97
C TYR A 60 -39.16 12.81 28.95
N PHE A 61 -38.38 12.46 29.98
CA PHE A 61 -37.74 11.13 30.05
C PHE A 61 -38.46 10.14 30.94
N GLY A 62 -39.32 10.62 31.84
CA GLY A 62 -40.06 9.74 32.74
C GLY A 62 -39.26 9.22 33.94
N THR A 63 -38.08 8.66 33.69
CA THR A 63 -37.27 8.06 34.77
C THR A 63 -35.83 8.54 34.72
N THR A 64 -35.14 8.40 35.83
CA THR A 64 -33.73 8.71 35.92
C THR A 64 -32.92 7.89 34.91
N THR A 65 -33.29 6.62 34.73
CA THR A 65 -32.55 5.73 33.83
C THR A 65 -32.66 6.18 32.38
N ASN A 66 -33.88 6.50 31.93
CA ASN A 66 -34.06 7.15 30.62
C ASN A 66 -33.26 8.46 30.50
N LEU A 67 -33.38 9.33 31.50
CA LEU A 67 -32.67 10.60 31.44
C LEU A 67 -31.14 10.36 31.29
N LYS A 68 -30.61 9.41 32.05
CA LYS A 68 -29.17 9.16 32.07
C LYS A 68 -28.68 8.59 30.74
N ARG A 69 -29.57 7.92 30.04
CA ARG A 69 -29.27 7.35 28.75
C ARG A 69 -29.10 8.45 27.69
N PHE A 70 -30.07 9.37 27.60
CA PHE A 70 -29.98 10.53 26.70
C PHE A 70 -28.71 11.34 26.95
N TYR A 71 -28.39 11.60 28.22
CA TYR A 71 -27.29 12.53 28.60
C TYR A 71 -25.89 11.96 28.36
N LYS A 72 -25.78 10.63 28.25
CA LYS A 72 -24.53 10.03 27.78
C LYS A 72 -24.22 10.52 26.36
N VAL A 73 -25.26 10.69 25.54
CA VAL A 73 -25.08 11.27 24.23
C VAL A 73 -24.56 12.72 24.33
N VAL A 74 -25.29 13.53 25.10
CA VAL A 74 -24.92 14.92 25.39
C VAL A 74 -23.48 15.01 25.86
N GLU A 75 -23.09 14.05 26.66
CA GLU A 75 -21.77 13.99 27.18
C GLU A 75 -20.72 13.69 26.10
N LYS A 76 -21.07 12.88 25.10
CA LYS A 76 -20.15 12.65 23.97
C LYS A 76 -19.98 13.92 23.19
N ILE A 77 -21.11 14.61 22.99
CA ILE A 77 -21.11 15.81 22.22
C ILE A 77 -20.23 16.81 22.94
N LEU A 78 -20.29 16.78 24.27
CA LEU A 78 -19.48 17.71 25.07
C LEU A 78 -17.98 17.39 25.00
N THR A 79 -17.64 16.22 24.46
CA THR A 79 -16.25 15.73 24.47
C THR A 79 -15.82 15.22 23.07
N GLN A 80 -16.58 15.60 22.04
CA GLN A 80 -16.45 15.03 20.70
C GLN A 80 -15.06 15.22 20.10
N SER A 81 -14.73 14.35 19.14
CA SER A 81 -13.62 14.60 18.21
C SER A 81 -14.20 15.11 16.89
N SER A 82 -13.38 15.66 16.01
CA SER A 82 -13.87 15.98 14.66
C SER A 82 -14.32 14.71 14.02
N PHE A 83 -15.45 14.74 13.32
CA PHE A 83 -15.92 13.62 12.50
C PHE A 83 -16.61 12.50 13.28
N GLU A 84 -16.61 12.58 14.61
CA GLU A 84 -17.19 11.53 15.41
C GLU A 84 -18.70 11.50 15.26
N CYS A 85 -19.24 10.29 15.22
CA CYS A 85 -20.66 10.04 15.21
C CYS A 85 -20.99 9.08 16.32
N ILE A 86 -22.27 8.94 16.62
CA ILE A 86 -22.82 7.73 17.25
C ILE A 86 -23.85 7.16 16.28
N HIS A 87 -24.38 5.97 16.58
CA HIS A 87 -25.56 5.43 15.88
C HIS A 87 -26.87 6.10 16.24
N LEU A 88 -27.68 6.37 15.20
CA LEU A 88 -29.01 6.90 15.37
C LEU A 88 -29.87 6.01 16.30
N SER A 89 -29.62 4.71 16.29
CA SER A 89 -30.38 3.77 17.15
C SER A 89 -30.08 3.91 18.65
N VAL A 90 -28.96 4.54 19.00
CA VAL A 90 -28.67 4.83 20.43
C VAL A 90 -29.75 5.70 21.03
N LEU A 91 -30.51 6.36 20.16
CA LEU A 91 -31.44 7.36 20.61
C LEU A 91 -32.82 6.77 20.86
N HIS A 92 -32.96 5.46 20.61
CA HIS A 92 -34.20 4.77 20.93
C HIS A 92 -34.05 3.40 21.56
N LYS A 93 -32.93 2.73 21.31
CA LYS A 93 -32.72 1.39 21.87
C LYS A 93 -32.65 1.40 23.39
N CYS A 94 -33.37 0.46 24.01
CA CYS A 94 -33.24 0.17 25.46
C CYS A 94 -33.83 1.24 26.40
N TYR A 95 -34.59 2.19 25.87
CA TYR A 95 -35.33 3.12 26.72
C TYR A 95 -36.52 2.41 27.39
N ASP A 96 -36.80 2.78 28.63
CA ASP A 96 -37.99 2.30 29.33
C ASP A 96 -39.20 3.03 28.75
N TYR A 97 -39.88 2.39 27.81
CA TYR A 97 -40.97 3.06 27.09
C TYR A 97 -42.24 3.18 27.91
N ASP A 98 -42.47 2.23 28.82
CA ASP A 98 -43.66 2.26 29.68
C ASP A 98 -43.65 3.43 30.68
N ALA A 99 -42.49 4.07 30.83
CA ALA A 99 -42.30 5.08 31.86
C ALA A 99 -42.29 6.49 31.30
N ILE A 100 -42.43 6.62 29.98
CA ILE A 100 -42.43 7.93 29.34
C ILE A 100 -43.88 8.38 29.16
N PRO A 101 -44.32 9.34 30.01
CA PRO A 101 -45.71 9.79 30.09
C PRO A 101 -46.28 10.25 28.75
N TRP A 102 -45.54 11.10 28.04
CA TRP A 102 -46.07 11.67 26.80
C TRP A 102 -46.24 10.66 25.69
N LEU A 103 -45.91 9.39 26.00
CA LEU A 103 -45.94 8.32 24.99
C LEU A 103 -47.01 7.25 25.23
N GLN A 104 -47.76 7.37 26.33
CA GLN A 104 -48.74 6.35 26.72
C GLN A 104 -49.92 6.21 25.77
N ASN A 105 -50.35 7.33 25.18
CA ASN A 105 -51.47 7.33 24.22
C ASN A 105 -51.11 6.82 22.82
N VAL A 106 -49.88 6.35 22.66
CA VAL A 106 -49.38 5.79 21.40
C VAL A 106 -49.11 4.30 21.59
N GLU A 107 -49.64 3.47 20.69
CA GLU A 107 -49.42 2.02 20.80
C GLU A 107 -47.94 1.65 20.58
N PRO A 108 -47.42 0.73 21.45
CA PRO A 108 -46.00 0.42 21.64
C PRO A 108 -45.11 0.47 20.40
N ASN A 109 -45.62 -0.02 19.27
CA ASN A 109 -44.80 -0.21 18.06
C ASN A 109 -44.37 1.07 17.33
N LEU A 110 -45.08 2.18 17.56
CA LEU A 110 -44.71 3.47 16.98
C LEU A 110 -43.83 4.32 17.90
N ARG A 111 -43.68 3.89 19.15
CA ARG A 111 -42.98 4.67 20.16
C ARG A 111 -41.52 4.97 19.81
N PRO A 112 -40.72 3.92 19.53
CA PRO A 112 -39.31 4.17 19.25
C PRO A 112 -39.09 5.24 18.21
N LYS A 113 -39.91 5.26 17.15
CA LYS A 113 -39.77 6.24 16.07
C LYS A 113 -40.00 7.66 16.56
N LEU A 114 -40.99 7.83 17.43
CA LEU A 114 -41.29 9.13 17.98
C LEU A 114 -40.19 9.60 18.93
N LEU A 115 -39.78 8.72 19.85
CA LEU A 115 -38.71 9.06 20.79
C LEU A 115 -37.46 9.50 20.04
N LEU A 116 -37.12 8.77 18.98
CA LEU A 116 -35.97 9.11 18.14
C LEU A 116 -36.16 10.48 17.54
N LYS A 117 -37.35 10.73 17.02
CA LYS A 117 -37.66 11.98 16.35
C LYS A 117 -37.56 13.17 17.33
N HIS A 118 -38.07 12.99 18.55
CA HIS A 118 -38.03 14.05 19.58
C HIS A 118 -36.68 14.23 20.19
N ASN A 119 -35.98 13.12 20.46
CA ASN A 119 -34.60 13.19 20.87
C ASN A 119 -33.79 13.99 19.85
N LEU A 120 -33.94 13.64 18.58
CA LEU A 120 -33.25 14.39 17.54
C LEU A 120 -33.60 15.89 17.61
N PHE A 121 -34.87 16.21 17.81
CA PHE A 121 -35.25 17.61 17.90
C PHE A 121 -34.48 18.28 19.02
N LEU A 122 -34.55 17.71 20.23
CA LEU A 122 -33.80 18.26 21.37
C LEU A 122 -32.32 18.49 21.08
N LEU A 123 -31.65 17.47 20.55
CA LEU A 123 -30.22 17.60 20.28
C LEU A 123 -29.96 18.64 19.23
N ASP A 124 -30.85 18.76 18.24
CA ASP A 124 -30.57 19.63 17.11
C ASP A 124 -30.87 21.07 17.49
N ASN A 125 -31.93 21.27 18.27
CA ASN A 125 -32.43 22.63 18.56
C ASN A 125 -32.02 23.24 19.93
N ILE A 126 -31.61 22.39 20.86
CA ILE A 126 -31.41 22.84 22.24
C ILE A 126 -30.02 22.46 22.74
N VAL A 127 -29.64 21.19 22.58
CA VAL A 127 -28.36 20.73 23.11
C VAL A 127 -27.18 21.32 22.37
N LYS A 128 -27.13 21.13 21.06
CA LYS A 128 -26.07 21.76 20.27
C LYS A 128 -26.08 23.29 20.34
N PRO A 129 -27.26 23.95 20.16
CA PRO A 129 -27.25 25.42 20.30
C PRO A 129 -26.85 25.96 21.69
N ILE A 130 -27.26 25.30 22.79
CA ILE A 130 -26.78 25.74 24.11
C ILE A 130 -25.26 25.75 24.23
N ILE A 131 -24.63 24.68 23.78
CA ILE A 131 -23.18 24.59 23.74
C ILE A 131 -22.59 25.73 22.90
N ALA A 132 -23.17 25.97 21.72
CA ALA A 132 -22.68 27.01 20.81
C ALA A 132 -22.86 28.39 21.40
N PHE A 133 -23.88 28.55 22.24
CA PHE A 133 -24.21 29.84 22.83
C PHE A 133 -23.15 30.23 23.83
N TYR A 134 -22.64 29.25 24.58
CA TYR A 134 -21.65 29.50 25.63
C TYR A 134 -20.20 29.19 25.22
N TYR A 135 -20.01 28.35 24.21
CA TYR A 135 -18.64 27.93 23.82
C TYR A 135 -18.31 28.07 22.36
N LYS A 136 -17.03 28.36 22.10
CA LYS A 136 -16.47 28.28 20.76
C LYS A 136 -15.71 26.97 20.64
N PRO A 137 -16.14 26.10 19.71
CA PRO A 137 -15.37 24.89 19.43
C PRO A 137 -14.12 25.20 18.60
N ILE A 138 -12.98 24.77 19.09
CA ILE A 138 -11.72 25.06 18.45
C ILE A 138 -11.02 23.74 18.09
N LYS A 139 -10.74 23.53 16.81
CA LYS A 139 -9.94 22.39 16.37
C LYS A 139 -8.47 22.70 16.60
N THR A 140 -7.86 21.99 17.55
CA THR A 140 -6.45 22.21 17.91
C THR A 140 -5.55 21.78 16.77
N LEU A 141 -6.07 20.90 15.91
CA LEU A 141 -5.35 20.35 14.75
C LEU A 141 -4.38 19.24 15.16
N ASN A 142 -4.19 19.10 16.46
CA ASN A 142 -3.62 17.89 17.00
C ASN A 142 -4.61 16.72 16.87
N GLY A 143 -4.49 15.99 15.77
CA GLY A 143 -5.48 15.01 15.38
C GLY A 143 -6.86 15.66 15.25
N HIS A 144 -7.87 14.97 15.75
CA HIS A 144 -9.24 15.43 15.61
C HIS A 144 -9.74 16.07 16.89
N GLU A 145 -8.80 16.41 17.77
CA GLU A 145 -9.13 17.04 19.04
C GLU A 145 -9.93 18.32 18.86
N ILE A 146 -11.02 18.44 19.60
CA ILE A 146 -11.74 19.70 19.72
C ILE A 146 -11.66 20.20 21.16
N LYS A 147 -11.37 21.49 21.31
CA LYS A 147 -11.40 22.15 22.61
C LYS A 147 -12.55 23.16 22.64
N PHE A 148 -13.25 23.21 23.76
CA PHE A 148 -14.37 24.13 23.90
C PHE A 148 -13.96 25.27 24.80
N ILE A 149 -13.85 26.46 24.19
CA ILE A 149 -13.42 27.66 24.90
C ILE A 149 -14.66 28.50 25.22
N ARG A 150 -14.71 29.04 26.45
CA ARG A 150 -15.81 29.93 26.83
C ARG A 150 -15.87 31.09 25.85
N LYS A 151 -17.06 31.38 25.36
CA LYS A 151 -17.24 32.32 24.26
C LYS A 151 -16.71 33.72 24.58
N GLU A 152 -16.92 34.19 25.80
CA GLU A 152 -16.43 35.52 26.20
C GLU A 152 -14.90 35.60 26.22
N GLU A 153 -14.26 34.50 26.61
CA GLU A 153 -12.80 34.42 26.63
C GLU A 153 -12.25 34.45 25.21
N TYR A 154 -12.92 33.73 24.31
CA TYR A 154 -12.49 33.67 22.94
C TYR A 154 -12.66 35.02 22.26
N ILE A 155 -13.81 35.65 22.45
CA ILE A 155 -14.08 36.94 21.83
C ILE A 155 -13.08 38.01 22.31
N SER A 156 -12.77 37.99 23.61
CA SER A 156 -11.75 38.86 24.18
C SER A 156 -10.41 38.63 23.49
N PHE A 157 -9.99 37.36 23.42
CA PHE A 157 -8.80 36.97 22.68
C PHE A 157 -8.87 37.42 21.22
N GLU A 158 -10.00 37.18 20.58
CA GLU A 158 -10.20 37.50 19.17
C GLU A 158 -10.07 39.00 18.92
N SER A 159 -10.59 39.80 19.85
CA SER A 159 -10.51 41.25 19.74
C SER A 159 -9.09 41.76 19.98
N LYS A 160 -8.44 41.20 20.99
CA LYS A 160 -7.07 41.59 21.37
C LYS A 160 -6.07 41.34 20.23
N VAL A 161 -6.33 40.34 19.42
CA VAL A 161 -5.49 40.03 18.25
C VAL A 161 -5.88 40.93 17.07
N PHE A 162 -7.18 41.19 16.96
CA PHE A 162 -7.73 42.07 15.93
C PHE A 162 -7.12 43.47 15.96
N HIS A 163 -6.90 43.99 17.17
CA HIS A 163 -6.33 45.32 17.36
C HIS A 163 -4.84 45.35 17.10
N LYS A 164 -4.17 44.24 17.40
CA LYS A 164 -2.75 44.10 17.11
C LYS A 164 -2.51 44.07 15.59
N LEU A 165 -3.37 43.36 14.87
CA LEU A 165 -3.32 43.34 13.39
C LEU A 165 -3.66 44.70 12.81
N LYS A 166 -4.63 45.38 13.43
CA LYS A 166 -4.95 46.77 13.08
C LYS A 166 -3.76 47.69 13.31
N LYS A 167 -3.29 47.75 14.56
CA LYS A 167 -2.19 48.64 14.93
C LYS A 167 -0.83 48.08 14.51
N MET A 168 -0.85 47.24 13.48
CA MET A 168 0.33 46.95 12.68
C MET A 168 -0.02 47.20 11.22
N LYS A 169 0.76 46.61 10.32
CA LYS A 169 0.50 46.77 8.90
C LYS A 169 -0.50 45.72 8.43
N TYR A 170 -0.63 44.66 9.22
CA TYR A 170 -1.23 43.39 8.75
C TYR A 170 -2.66 43.51 8.27
N LEU A 171 -3.47 44.27 8.99
CA LEU A 171 -4.88 44.46 8.63
C LEU A 171 -5.18 45.96 8.50
N VAL A 172 -5.47 46.40 7.28
CA VAL A 172 -5.84 47.80 7.02
C VAL A 172 -7.33 47.89 6.66
N GLU A 173 -8.02 48.82 7.32
CA GLU A 173 -9.45 49.02 7.09
C GLU A 173 -9.71 49.52 5.66
N VAL A 174 -10.72 48.93 5.02
CA VAL A 174 -11.09 49.29 3.64
C VAL A 174 -12.44 50.03 3.61
N GLN A 175 -12.68 50.76 2.52
CA GLN A 175 -13.83 51.67 2.40
C GLN A 175 -15.15 50.97 2.04
N ASP A 176 -15.14 49.63 2.04
CA ASP A 176 -16.30 48.81 1.66
C ASP A 176 -16.52 48.73 0.14
N GLU A 177 -15.85 49.59 -0.60
CA GLU A 177 -15.92 49.62 -2.07
C GLU A 177 -14.81 48.77 -2.69
N VAL A 178 -14.66 47.53 -2.21
CA VAL A 178 -13.65 46.59 -2.71
C VAL A 178 -14.23 45.18 -2.92
N LYS A 179 -15.14 44.78 -2.01
CA LYS A 179 -15.87 43.50 -2.11
C LYS A 179 -14.98 42.27 -1.85
N PRO A 180 -15.14 41.66 -0.64
CA PRO A 180 -14.25 40.61 -0.15
C PRO A 180 -14.47 39.27 -0.84
N ARG A 181 -13.50 38.37 -0.72
CA ARG A 181 -13.61 37.03 -1.29
C ARG A 181 -13.22 35.93 -0.28
N GLY A 182 -13.69 36.09 0.96
CA GLY A 182 -13.43 35.15 2.05
C GLY A 182 -13.48 35.85 3.39
N VAL A 183 -13.76 35.11 4.46
CA VAL A 183 -13.88 35.71 5.81
C VAL A 183 -12.66 35.41 6.70
N LEU A 184 -12.12 36.44 7.33
CA LEU A 184 -10.95 36.31 8.21
C LEU A 184 -11.29 35.57 9.49
N ASN A 185 -10.59 34.47 9.74
CA ASN A 185 -10.79 33.70 10.94
C ASN A 185 -9.55 33.72 11.82
N ILE A 186 -9.73 34.09 13.09
CA ILE A 186 -8.64 34.10 14.04
C ILE A 186 -8.70 32.85 14.92
N ILE A 187 -7.63 32.05 14.85
CA ILE A 187 -7.54 30.77 15.60
C ILE A 187 -6.49 30.91 16.69
N PRO A 188 -6.83 30.54 17.93
CA PRO A 188 -5.79 30.49 18.97
C PRO A 188 -4.79 29.36 18.70
N LYS A 189 -3.51 29.69 18.66
CA LYS A 189 -2.44 28.70 18.46
C LYS A 189 -1.50 28.66 19.65
N GLN A 190 -1.82 27.77 20.60
CA GLN A 190 -0.96 27.49 21.77
C GLN A 190 -0.59 28.74 22.56
N ASP A 191 0.46 29.44 22.12
CA ASP A 191 0.90 30.67 22.77
C ASP A 191 0.50 31.90 21.95
N ASN A 192 0.41 31.72 20.63
CA ASN A 192 0.04 32.82 19.72
C ASN A 192 -1.33 32.63 19.07
N PHE A 193 -1.39 32.87 17.75
CA PHE A 193 -2.62 32.76 16.99
C PHE A 193 -2.34 32.45 15.53
N ARG A 194 -3.39 32.19 14.76
CA ARG A 194 -3.27 31.96 13.33
C ARG A 194 -4.42 32.66 12.62
N ALA A 195 -4.08 33.55 11.69
CA ALA A 195 -5.08 34.31 10.96
C ALA A 195 -5.26 33.76 9.55
N ILE A 196 -6.23 32.85 9.42
CA ILE A 196 -6.50 32.18 8.15
C ILE A 196 -7.83 32.66 7.54
N VAL A 197 -8.04 32.38 6.25
CA VAL A 197 -9.28 32.74 5.58
C VAL A 197 -10.09 31.54 5.13
N SER A 198 -11.39 31.59 5.38
CA SER A 198 -12.31 30.61 4.85
C SER A 198 -13.00 31.20 3.62
N ILE A 199 -12.83 30.52 2.48
CA ILE A 199 -13.43 30.97 1.22
C ILE A 199 -14.89 30.51 1.14
N PHE A 200 -15.62 31.00 0.13
CA PHE A 200 -17.06 30.74 0.00
C PHE A 200 -17.49 29.28 -0.28
N PRO A 201 -16.76 28.54 -1.15
CA PRO A 201 -15.62 28.93 -1.97
C PRO A 201 -16.01 29.38 -3.38
N ASP A 202 -16.27 28.42 -4.27
CA ASP A 202 -16.60 28.68 -5.68
C ASP A 202 -15.52 29.51 -6.39
N SER A 203 -15.70 30.83 -6.40
CA SER A 203 -14.79 31.79 -7.07
C SER A 203 -14.39 31.36 -8.49
N ALA A 204 -15.16 31.84 -9.47
CA ALA A 204 -15.11 31.33 -10.85
C ALA A 204 -15.38 29.82 -10.87
N ARG A 205 -14.31 29.03 -10.73
CA ARG A 205 -14.41 27.59 -10.57
C ARG A 205 -13.28 27.07 -9.69
N LYS A 206 -13.56 26.02 -8.93
CA LYS A 206 -12.54 25.41 -8.07
C LYS A 206 -11.50 24.58 -8.85
N PRO A 207 -11.92 23.94 -9.98
CA PRO A 207 -10.95 23.23 -10.84
C PRO A 207 -9.98 24.17 -11.55
N PHE A 208 -10.38 25.42 -11.73
CA PHE A 208 -9.51 26.46 -12.29
C PHE A 208 -8.30 26.68 -11.41
N PHE A 209 -8.52 26.71 -10.09
CA PHE A 209 -7.44 26.83 -9.11
C PHE A 209 -6.56 25.59 -9.07
N LYS A 210 -7.17 24.41 -9.09
CA LYS A 210 -6.44 23.15 -8.96
C LYS A 210 -5.50 22.88 -10.13
N LEU A 211 -5.92 23.28 -11.33
CA LEU A 211 -5.07 23.19 -12.51
C LEU A 211 -4.30 24.49 -12.78
N LEU A 212 -4.45 25.46 -11.87
CA LEU A 212 -3.61 26.66 -11.86
C LEU A 212 -2.38 26.41 -11.00
N THR A 213 -2.61 25.84 -9.82
CA THR A 213 -1.51 25.43 -8.93
C THR A 213 -0.72 24.27 -9.52
N SER A 214 -1.39 23.43 -10.31
CA SER A 214 -0.74 22.32 -11.00
C SER A 214 0.25 22.84 -12.04
N LYS A 215 -0.07 24.00 -12.63
CA LYS A 215 0.85 24.67 -13.53
C LYS A 215 2.06 25.25 -12.80
N ILE A 216 1.89 25.57 -11.51
CA ILE A 216 2.97 26.11 -10.69
C ILE A 216 3.94 25.04 -10.20
N TYR A 217 3.41 23.91 -9.72
CA TYR A 217 4.26 22.80 -9.24
C TYR A 217 5.21 22.29 -10.32
N LYS A 218 4.80 22.45 -11.58
CA LYS A 218 5.69 22.26 -12.71
C LYS A 218 6.89 23.21 -12.57
N VAL A 219 6.60 24.51 -12.62
CA VAL A 219 7.64 25.56 -12.57
C VAL A 219 8.62 25.34 -11.42
N LEU A 220 8.10 24.85 -10.29
CA LEU A 220 8.91 24.59 -9.11
C LEU A 220 10.02 23.58 -9.42
N GLU A 221 9.66 22.51 -10.13
CA GLU A 221 10.64 21.49 -10.51
C GLU A 221 11.18 21.68 -11.94
N GLU A 222 11.10 22.91 -12.44
CA GLU A 222 11.64 23.25 -13.75
C GLU A 222 12.89 24.11 -13.63
N LYS A 223 12.71 25.36 -13.22
CA LYS A 223 13.82 26.31 -13.11
C LYS A 223 14.53 26.21 -11.76
N TYR A 224 14.07 25.27 -10.93
CA TYR A 224 14.74 24.93 -9.67
C TYR A 224 15.11 23.44 -9.68
N LYS A 225 16.40 23.17 -9.85
CA LYS A 225 16.90 21.79 -10.00
C LYS A 225 16.84 20.96 -8.72
N THR A 226 15.92 21.34 -7.82
CA THR A 226 15.72 20.63 -6.57
C THR A 226 15.05 19.28 -6.82
N SER A 227 15.54 18.25 -6.14
CA SER A 227 14.91 16.94 -6.12
C SER A 227 14.41 16.62 -4.71
N GLY A 228 15.31 16.10 -3.86
CA GLY A 228 15.04 15.91 -2.45
C GLY A 228 14.14 14.74 -2.10
N SER A 229 14.72 13.78 -1.38
CA SER A 229 13.95 12.79 -0.62
C SER A 229 14.64 12.56 0.73
N LEU A 230 13.94 12.88 1.81
CA LEU A 230 14.51 12.84 3.16
C LEU A 230 15.27 11.55 3.42
N TYR A 231 14.65 10.43 3.04
CA TYR A 231 15.24 9.12 3.25
C TYR A 231 16.53 8.93 2.48
N THR A 232 16.51 9.28 1.19
CA THR A 232 17.68 9.15 0.32
C THR A 232 18.82 10.04 0.82
N CYS A 233 18.49 11.30 1.16
CA CYS A 233 19.50 12.24 1.65
C CYS A 233 20.20 11.70 2.89
N TRP A 234 19.42 11.39 3.93
CA TRP A 234 19.97 10.91 5.20
C TRP A 234 20.77 9.66 5.02
N SER A 235 20.30 8.78 4.14
CA SER A 235 20.95 7.50 3.92
C SER A 235 22.29 7.69 3.24
N GLU A 236 22.30 8.42 2.12
CA GLU A 236 23.54 8.69 1.40
C GLU A 236 24.52 9.47 2.26
N PHE A 237 24.01 10.45 3.03
CA PHE A 237 24.83 11.25 3.93
C PHE A 237 25.51 10.44 5.04
N THR A 238 24.74 9.68 5.82
CA THR A 238 25.30 8.93 6.95
C THR A 238 26.34 7.90 6.51
N GLN A 239 26.10 7.26 5.37
CA GLN A 239 26.98 6.18 4.91
C GLN A 239 28.36 6.68 4.45
N LYS A 240 28.42 7.89 3.91
CA LYS A 240 29.72 8.47 3.54
C LYS A 240 30.43 9.18 4.70
N THR A 241 29.67 9.62 5.70
CA THR A 241 30.24 10.36 6.82
C THR A 241 30.66 9.43 7.95
N GLN A 242 31.97 9.29 8.15
CA GLN A 242 32.51 8.37 9.14
C GLN A 242 32.65 8.99 10.52
N GLY A 243 33.00 10.29 10.56
CA GLY A 243 33.16 11.01 11.82
C GLY A 243 31.87 11.51 12.43
N GLN A 244 32.00 12.17 13.59
CA GLN A 244 30.88 12.70 14.34
C GLN A 244 30.07 13.68 13.50
N ILE A 245 28.77 13.44 13.38
CA ILE A 245 27.88 14.34 12.65
C ILE A 245 27.46 15.50 13.55
N TYR A 246 27.57 16.73 13.03
CA TYR A 246 26.99 17.90 13.68
C TYR A 246 25.84 18.38 12.83
N GLY A 247 24.82 18.93 13.46
CA GLY A 247 23.63 19.33 12.73
C GLY A 247 22.70 20.24 13.48
N ILE A 248 21.83 20.90 12.74
CA ILE A 248 20.90 21.84 13.34
C ILE A 248 19.55 21.75 12.66
N LYS A 249 18.50 21.98 13.42
CA LYS A 249 17.17 22.17 12.87
C LYS A 249 16.70 23.57 13.23
N VAL A 250 16.29 24.33 12.22
CA VAL A 250 15.85 25.71 12.43
C VAL A 250 14.38 25.85 12.03
N ASP A 251 13.59 26.38 12.96
CA ASP A 251 12.16 26.59 12.76
C ASP A 251 11.94 27.97 12.13
N ILE A 252 11.35 28.00 10.94
CA ILE A 252 11.04 29.27 10.29
C ILE A 252 9.74 29.89 10.82
N ARG A 253 9.85 31.08 11.40
CA ARG A 253 8.67 31.82 11.88
C ARG A 253 7.85 32.38 10.72
N ASP A 254 6.54 32.17 10.78
CA ASP A 254 5.56 32.61 9.78
C ASP A 254 6.12 32.81 8.37
N ALA A 255 6.39 31.71 7.67
CA ALA A 255 6.88 31.77 6.30
C ALA A 255 5.86 32.41 5.36
N TYR A 256 4.59 32.08 5.55
CA TYR A 256 3.51 32.69 4.76
C TYR A 256 3.48 34.20 4.91
N GLY A 257 3.54 34.67 6.15
CA GLY A 257 3.39 36.09 6.45
C GLY A 257 4.65 36.90 6.24
N ASN A 258 5.78 36.23 6.10
CA ASN A 258 7.05 36.89 5.84
C ASN A 258 7.43 36.91 4.37
N VAL A 259 6.54 36.41 3.52
CA VAL A 259 6.67 36.62 2.09
C VAL A 259 6.59 38.12 1.77
N LYS A 260 7.67 38.64 1.19
CA LYS A 260 7.67 39.99 0.66
C LYS A 260 6.96 39.94 -0.68
N ILE A 261 5.75 40.51 -0.72
CA ILE A 261 4.84 40.41 -1.87
C ILE A 261 5.43 40.94 -3.18
N PRO A 262 6.01 42.16 -3.15
CA PRO A 262 6.65 42.70 -4.36
C PRO A 262 7.66 41.73 -5.00
N VAL A 263 8.53 41.11 -4.19
CA VAL A 263 9.53 40.18 -4.69
C VAL A 263 8.89 38.95 -5.35
N LEU A 264 7.84 38.41 -4.73
CA LEU A 264 7.11 37.25 -5.29
C LEU A 264 6.47 37.55 -6.65
N CYS A 265 5.92 38.75 -6.79
CA CYS A 265 5.33 39.18 -8.07
C CYS A 265 6.35 39.15 -9.21
N LYS A 266 7.48 39.82 -9.02
CA LYS A 266 8.54 39.85 -10.03
C LYS A 266 9.01 38.44 -10.38
N LEU A 267 8.97 37.56 -9.38
CA LEU A 267 9.29 36.16 -9.57
C LEU A 267 8.27 35.50 -10.50
N ILE A 268 6.99 35.83 -10.28
CA ILE A 268 5.92 35.26 -11.08
C ILE A 268 6.00 35.79 -12.52
N GLN A 269 6.14 37.11 -12.66
CA GLN A 269 6.18 37.76 -13.96
C GLN A 269 7.11 37.03 -14.93
N SER A 270 8.37 36.86 -14.51
CA SER A 270 9.42 36.36 -15.38
C SER A 270 10.23 35.23 -14.74
N ILE A 271 10.60 34.21 -15.52
CA ILE A 271 10.09 34.00 -16.89
C ILE A 271 9.48 32.59 -17.00
N PRO A 272 8.15 32.49 -16.81
CA PRO A 272 7.45 31.29 -17.20
C PRO A 272 6.40 31.55 -18.30
N THR A 273 6.85 31.69 -19.55
CA THR A 273 5.95 31.93 -20.68
C THR A 273 5.43 30.61 -21.27
N HIS A 274 6.34 29.65 -21.44
CA HIS A 274 6.02 28.31 -21.92
C HIS A 274 5.11 27.59 -20.95
N LEU A 275 5.04 28.11 -19.73
CA LEU A 275 4.36 27.42 -18.64
C LEU A 275 3.07 28.11 -18.23
N LEU A 276 3.13 29.43 -18.05
CA LEU A 276 1.95 30.22 -17.67
C LEU A 276 1.70 31.36 -18.64
N ASP A 277 2.73 32.16 -18.87
CA ASP A 277 2.62 33.42 -19.61
C ASP A 277 1.75 34.44 -18.86
N SER A 278 0.91 35.17 -19.60
CA SER A 278 0.36 36.45 -19.15
C SER A 278 -0.98 36.38 -18.40
N GLU A 279 -1.99 35.81 -19.06
CA GLU A 279 -3.36 35.79 -18.51
C GLU A 279 -3.37 35.22 -17.11
N LYS A 280 -2.53 34.22 -16.88
CA LYS A 280 -2.39 33.60 -15.57
C LYS A 280 -1.61 34.53 -14.63
N LYS A 281 -0.44 34.99 -15.09
CA LYS A 281 0.44 35.80 -14.25
C LYS A 281 -0.27 37.05 -13.73
N ASN A 282 -1.04 37.70 -14.60
CA ASN A 282 -1.80 38.89 -14.23
C ASN A 282 -2.78 38.62 -13.09
N PHE A 283 -3.44 37.45 -13.16
CA PHE A 283 -4.39 37.06 -12.12
C PHE A 283 -3.71 36.75 -10.79
N ILE A 284 -2.54 36.14 -10.87
CA ILE A 284 -1.77 35.84 -9.66
C ILE A 284 -1.16 37.12 -9.09
N VAL A 285 -0.61 37.98 -9.95
CA VAL A 285 0.02 39.24 -9.53
C VAL A 285 -0.89 40.05 -8.62
N ASP A 286 -2.10 40.35 -9.10
CA ASP A 286 -3.03 41.15 -8.31
C ASP A 286 -3.68 40.34 -7.19
N HIS A 287 -3.53 39.01 -7.25
CA HIS A 287 -4.09 38.15 -6.21
C HIS A 287 -3.31 38.22 -4.93
N ILE A 288 -1.98 38.31 -5.05
CA ILE A 288 -1.07 38.39 -3.89
C ILE A 288 -1.25 39.72 -3.15
N SER A 289 -1.38 40.79 -3.93
CA SER A 289 -1.81 42.07 -3.41
C SER A 289 -2.69 42.64 -4.49
N ASN A 290 -3.97 42.87 -4.18
CA ASN A 290 -4.45 43.01 -2.80
C ASN A 290 -5.37 41.88 -2.36
N GLN A 291 -5.19 41.44 -1.13
CA GLN A 291 -6.00 40.38 -0.56
C GLN A 291 -7.01 40.97 0.41
N PHE A 292 -8.28 40.90 0.04
CA PHE A 292 -9.34 41.55 0.83
C PHE A 292 -10.25 40.54 1.52
N VAL A 293 -10.54 40.78 2.79
CA VAL A 293 -11.27 39.82 3.61
C VAL A 293 -12.45 40.43 4.39
N ALA A 294 -13.53 39.66 4.48
CA ALA A 294 -14.67 40.03 5.30
C ALA A 294 -14.35 39.81 6.77
N PHE A 295 -14.89 40.68 7.62
CA PHE A 295 -14.79 40.50 9.06
C PHE A 295 -16.11 40.92 9.74
N ARG A 296 -16.01 41.66 10.84
CA ARG A 296 -17.18 42.09 11.59
C ARG A 296 -17.95 43.18 10.84
N ARG A 297 -18.79 42.75 9.90
CA ARG A 297 -19.55 43.65 9.01
C ARG A 297 -18.66 44.44 8.05
N LYS A 298 -17.37 44.52 8.37
CA LYS A 298 -16.41 45.34 7.62
C LYS A 298 -15.50 44.51 6.71
N ILE A 299 -14.92 45.19 5.72
CA ILE A 299 -14.01 44.56 4.76
C ILE A 299 -12.58 45.09 4.93
N TYR A 300 -11.60 44.18 4.99
CA TYR A 300 -10.20 44.54 5.25
C TYR A 300 -9.24 44.03 4.17
N LYS A 301 -8.16 44.78 3.94
CA LYS A 301 -7.06 44.30 3.11
C LYS A 301 -5.96 43.68 3.96
N TRP A 302 -5.54 42.48 3.58
CA TRP A 302 -4.51 41.76 4.28
C TRP A 302 -3.18 42.10 3.69
N ASN A 303 -2.37 42.83 4.45
CA ASN A 303 -1.04 43.24 4.01
C ASN A 303 0.07 42.65 4.87
N HIS A 304 0.14 41.32 4.89
CA HIS A 304 1.24 40.61 5.54
C HIS A 304 1.51 39.33 4.83
N GLY A 305 2.14 39.44 3.67
CA GLY A 305 2.50 38.27 2.88
C GLY A 305 1.29 37.61 2.28
N LEU A 306 1.40 36.31 2.06
CA LEU A 306 0.30 35.49 1.59
C LEU A 306 -0.67 35.20 2.72
N LEU A 307 -1.96 35.17 2.39
CA LEU A 307 -2.99 34.73 3.33
C LEU A 307 -3.02 33.22 3.45
N GLN A 308 -2.75 32.72 4.64
CA GLN A 308 -3.03 31.31 4.95
C GLN A 308 -4.52 31.04 4.74
N GLY A 309 -4.83 29.98 3.98
CA GLY A 309 -6.22 29.65 3.67
C GLY A 309 -6.58 29.83 2.20
N ASP A 310 -5.92 30.78 1.54
CA ASP A 310 -6.07 30.94 0.09
C ASP A 310 -5.44 29.73 -0.62
N PRO A 311 -6.21 29.08 -1.51
CA PRO A 311 -5.79 27.89 -2.26
C PRO A 311 -4.41 27.98 -2.91
N LEU A 312 -3.97 29.19 -3.28
CA LEU A 312 -2.71 29.36 -3.99
C LEU A 312 -1.50 29.57 -3.08
N SER A 313 -1.77 29.95 -1.83
CA SER A 313 -0.70 30.29 -0.90
C SER A 313 0.38 29.21 -0.79
N GLY A 314 -0.05 27.97 -0.56
CA GLY A 314 0.87 26.85 -0.36
C GLY A 314 1.92 26.72 -1.44
N CYS A 315 1.46 26.62 -2.69
CA CYS A 315 2.35 26.41 -3.84
C CYS A 315 3.16 27.66 -4.19
N LEU A 316 2.62 28.83 -3.89
CA LEU A 316 3.33 30.08 -4.12
C LEU A 316 4.39 30.31 -3.06
N CYS A 317 4.10 29.87 -1.83
CA CYS A 317 5.07 29.94 -0.75
C CYS A 317 6.25 29.01 -1.00
N GLU A 318 5.97 27.83 -1.56
CA GLU A 318 7.03 26.89 -1.96
C GLU A 318 7.88 27.49 -3.08
N LEU A 319 7.20 28.09 -4.07
CA LEU A 319 7.83 28.75 -5.19
C LEU A 319 8.77 29.86 -4.69
N TYR A 320 8.22 30.75 -3.86
CA TYR A 320 8.99 31.80 -3.22
C TYR A 320 10.19 31.27 -2.41
N MET A 321 9.93 30.26 -1.56
CA MET A 321 10.95 29.73 -0.65
C MET A 321 12.10 29.03 -1.37
N ALA A 322 11.80 28.44 -2.52
CA ALA A 322 12.83 27.82 -3.35
C ALA A 322 13.75 28.90 -3.92
N PHE A 323 13.17 30.04 -4.25
CA PHE A 323 13.91 31.18 -4.76
C PHE A 323 14.84 31.77 -3.71
N MET A 324 14.36 31.87 -2.47
CA MET A 324 15.17 32.35 -1.36
C MET A 324 16.36 31.41 -1.14
N ASP A 325 16.12 30.13 -1.41
CA ASP A 325 17.14 29.09 -1.25
C ASP A 325 18.29 29.23 -2.28
N ARG A 326 17.94 29.45 -3.54
CA ARG A 326 18.93 29.66 -4.59
C ARG A 326 19.68 30.97 -4.34
N LEU A 327 18.95 31.95 -3.81
CA LEU A 327 19.48 33.28 -3.50
C LEU A 327 20.52 33.29 -2.38
N TYR A 328 20.17 32.71 -1.23
CA TYR A 328 20.99 32.84 -0.02
C TYR A 328 21.65 31.53 0.46
N PHE A 329 21.23 30.40 -0.10
CA PHE A 329 21.81 29.11 0.29
C PHE A 329 22.50 28.48 -0.92
N SER A 330 23.57 29.14 -1.35
CA SER A 330 24.28 28.76 -2.57
C SER A 330 25.68 28.22 -2.28
N ASN A 331 26.27 28.66 -1.17
CA ASN A 331 27.63 28.25 -0.80
C ASN A 331 27.69 27.28 0.38
N LEU A 332 26.66 26.43 0.48
CA LEU A 332 26.55 25.48 1.58
C LEU A 332 27.61 24.38 1.55
N ASP A 333 27.61 23.58 0.48
CA ASP A 333 28.50 22.41 0.33
C ASP A 333 27.75 21.29 -0.39
N LYS A 334 28.40 20.69 -1.37
CA LYS A 334 27.82 19.55 -2.08
C LYS A 334 27.78 18.28 -1.20
N ASP A 335 28.62 18.25 -0.16
CA ASP A 335 28.78 17.07 0.68
C ASP A 335 28.03 17.15 2.02
N ALA A 336 27.44 18.31 2.30
CA ALA A 336 26.62 18.48 3.49
C ALA A 336 25.24 17.85 3.30
N PHE A 337 24.56 17.60 4.41
CA PHE A 337 23.16 17.20 4.39
C PHE A 337 22.28 18.45 4.52
N ILE A 338 21.38 18.62 3.55
CA ILE A 338 20.38 19.69 3.64
C ILE A 338 19.01 19.16 3.26
N HIS A 339 17.99 19.55 4.03
CA HIS A 339 16.61 19.26 3.66
C HIS A 339 15.73 20.30 4.25
N ARG A 340 14.65 20.63 3.55
CA ARG A 340 13.77 21.72 3.96
C ARG A 340 12.30 21.43 3.70
N THR A 341 11.43 22.05 4.48
CA THR A 341 10.02 22.19 4.13
C THR A 341 9.73 23.68 4.20
N VAL A 342 8.46 24.05 4.07
CA VAL A 342 8.08 25.46 4.18
C VAL A 342 8.38 26.03 5.57
N ASP A 343 8.28 25.16 6.59
CA ASP A 343 8.51 25.57 7.98
C ASP A 343 9.94 25.27 8.48
N ASP A 344 10.64 24.39 7.77
CA ASP A 344 11.79 23.69 8.37
C ASP A 344 13.03 23.72 7.52
N TYR A 345 14.17 23.92 8.17
CA TYR A 345 15.47 23.65 7.57
C TYR A 345 16.25 22.69 8.46
N PHE A 346 16.90 21.71 7.84
CA PHE A 346 17.66 20.72 8.58
C PHE A 346 18.99 20.50 7.88
N PHE A 347 20.08 20.78 8.59
CA PHE A 347 21.40 20.82 7.98
C PHE A 347 22.40 20.07 8.85
N CYS A 348 23.18 19.20 8.21
CA CYS A 348 24.21 18.44 8.92
C CYS A 348 25.52 18.42 8.13
N SER A 349 26.63 18.33 8.86
CA SER A 349 27.96 18.18 8.30
C SER A 349 28.88 17.67 9.38
N PRO A 350 29.92 16.91 9.00
CA PRO A 350 30.97 16.54 9.96
C PRO A 350 31.80 17.74 10.40
N HIS A 351 31.63 18.86 9.70
CA HIS A 351 32.39 20.10 9.98
C HIS A 351 31.57 21.05 10.81
N PRO A 352 31.86 21.12 12.11
CA PRO A 352 31.03 21.88 13.06
C PRO A 352 30.89 23.33 12.67
N HIS A 353 31.98 23.92 12.13
CA HIS A 353 31.96 25.33 11.76
C HIS A 353 30.95 25.63 10.68
N LYS A 354 30.74 24.68 9.77
CA LYS A 354 29.71 24.83 8.74
C LYS A 354 28.28 24.88 9.32
N VAL A 355 28.09 24.24 10.48
CA VAL A 355 26.79 24.26 11.15
C VAL A 355 26.52 25.62 11.82
N TYR A 356 27.59 26.35 12.17
CA TYR A 356 27.46 27.76 12.58
C TYR A 356 27.21 28.64 11.38
N ASP A 357 28.07 28.53 10.36
CA ASP A 357 27.90 29.29 9.12
C ASP A 357 26.48 29.15 8.60
N PHE A 358 25.86 28.01 8.88
CA PHE A 358 24.46 27.80 8.52
C PHE A 358 23.49 28.48 9.48
N GLU A 359 23.68 28.28 10.78
CA GLU A 359 22.82 28.94 11.76
C GLU A 359 22.79 30.45 11.58
N LEU A 360 23.96 31.08 11.53
CA LEU A 360 24.05 32.54 11.36
C LEU A 360 23.40 32.99 10.05
N LEU A 361 23.72 32.31 8.95
CA LEU A 361 23.14 32.62 7.64
C LEU A 361 21.61 32.57 7.63
N ILE A 362 21.04 31.49 8.19
CA ILE A 362 19.60 31.27 8.13
C ILE A 362 18.85 32.30 8.97
N LYS A 363 19.50 32.79 10.02
CA LYS A 363 18.93 33.87 10.84
C LYS A 363 18.91 35.19 10.09
N GLY A 364 19.87 35.38 9.18
CA GLY A 364 19.94 36.56 8.34
C GLY A 364 18.85 36.58 7.29
N VAL A 365 18.51 35.41 6.77
CA VAL A 365 17.48 35.29 5.73
C VAL A 365 16.07 35.40 6.32
N TYR A 366 15.81 34.63 7.38
CA TYR A 366 14.45 34.46 7.90
C TYR A 366 14.31 34.94 9.35
N GLN A 367 13.08 35.17 9.77
CA GLN A 367 12.76 35.23 11.19
C GLN A 367 12.52 33.80 11.67
N VAL A 368 13.23 33.40 12.71
CA VAL A 368 13.20 32.01 13.17
C VAL A 368 12.93 31.89 14.68
N ASN A 369 12.16 30.87 15.06
CA ASN A 369 11.90 30.61 16.48
C ASN A 369 13.14 30.03 17.18
N PRO A 370 13.92 30.90 17.84
CA PRO A 370 15.25 30.48 18.35
C PRO A 370 15.19 29.53 19.55
N THR A 371 14.05 29.46 20.23
CA THR A 371 13.85 28.49 21.32
C THR A 371 13.52 27.12 20.75
N LYS A 372 13.02 27.10 19.52
CA LYS A 372 12.64 25.86 18.85
C LYS A 372 13.80 25.28 18.01
N THR A 373 14.96 25.90 18.11
CA THR A 373 16.15 25.38 17.46
C THR A 373 16.70 24.16 18.21
N ARG A 374 17.08 23.13 17.45
CA ARG A 374 17.68 21.93 18.03
C ARG A 374 19.01 21.63 17.36
N THR A 375 20.06 21.48 18.16
CA THR A 375 21.42 21.27 17.66
C THR A 375 22.24 20.50 18.68
N ASN A 376 23.32 19.86 18.22
CA ASN A 376 24.28 19.20 19.11
C ASN A 376 25.59 19.98 19.27
N LEU A 377 25.61 21.22 18.77
CA LEU A 377 26.78 22.09 18.90
C LEU A 377 27.08 22.41 20.37
N PRO A 378 28.33 22.14 20.81
CA PRO A 378 28.69 22.25 22.22
C PRO A 378 28.65 23.69 22.77
N THR A 379 28.64 24.68 21.89
CA THR A 379 28.62 26.09 22.30
C THR A 379 27.23 26.56 22.75
N HIS A 380 26.19 25.82 22.38
CA HIS A 380 24.82 26.16 22.77
C HIS A 380 24.56 25.87 24.21
N ARG A 381 23.51 26.51 24.75
CA ARG A 381 23.08 26.28 26.12
C ARG A 381 22.91 24.80 26.40
N HIS A 382 21.96 24.19 25.67
CA HIS A 382 21.62 22.78 25.85
C HIS A 382 21.71 22.02 24.56
N PRO A 383 22.94 21.60 24.19
CA PRO A 383 23.16 20.75 23.01
C PRO A 383 22.44 19.41 23.10
N GLN A 384 22.06 18.86 21.95
CA GLN A 384 21.14 17.73 21.88
C GLN A 384 21.49 16.82 20.71
N ASP A 385 21.62 15.52 20.97
CA ASP A 385 21.91 14.54 19.92
C ASP A 385 20.71 14.23 19.01
N GLU A 386 19.52 14.30 19.58
CA GLU A 386 18.33 13.86 18.87
C GLU A 386 17.58 15.04 18.31
N ILE A 387 17.35 15.02 17.00
CA ILE A 387 16.80 16.15 16.30
C ILE A 387 15.46 15.77 15.69
N PRO A 388 14.37 16.43 16.14
CA PRO A 388 13.09 16.15 15.52
C PRO A 388 12.96 16.90 14.20
N TYR A 389 12.55 16.21 13.15
CA TYR A 389 12.32 16.83 11.84
C TYR A 389 11.41 15.94 10.99
N CYS A 390 10.32 16.53 10.50
CA CYS A 390 9.35 15.83 9.64
C CYS A 390 8.72 14.55 10.23
N GLY A 391 8.29 14.63 11.49
CA GLY A 391 7.70 13.47 12.18
C GLY A 391 8.71 12.38 12.50
N LYS A 392 9.99 12.73 12.50
CA LYS A 392 11.02 11.76 12.80
C LYS A 392 12.02 12.33 13.80
N ILE A 393 12.67 11.45 14.55
CA ILE A 393 13.78 11.83 15.41
C ILE A 393 15.07 11.24 14.86
N PHE A 394 15.99 12.13 14.49
CA PHE A 394 17.31 11.75 14.00
C PHE A 394 18.32 11.89 15.14
N ASN A 395 19.03 10.82 15.44
CA ASN A 395 20.13 10.90 16.38
C ASN A 395 21.43 11.11 15.59
N LEU A 396 22.04 12.28 15.78
CA LEU A 396 23.19 12.66 14.96
C LEU A 396 24.42 11.80 15.25
N THR A 397 24.44 11.18 16.42
CA THR A 397 25.58 10.36 16.84
C THR A 397 25.40 8.92 16.37
N THR A 398 24.25 8.32 16.69
CA THR A 398 24.00 6.91 16.37
C THR A 398 23.44 6.72 14.96
N ARG A 399 22.91 7.80 14.38
CA ARG A 399 22.34 7.80 13.02
C ARG A 399 20.99 7.09 12.93
N GLN A 400 20.55 6.52 14.05
CA GLN A 400 19.25 5.89 14.18
C GLN A 400 18.13 6.89 13.92
N VAL A 401 17.05 6.42 13.31
CA VAL A 401 15.86 7.26 13.14
C VAL A 401 14.63 6.58 13.75
N ARG A 402 13.93 7.32 14.61
CA ARG A 402 12.72 6.85 15.27
C ARG A 402 11.53 7.72 14.84
N THR A 403 10.32 7.18 14.93
CA THR A 403 9.12 7.99 14.72
C THR A 403 8.90 8.93 15.90
N LEU A 404 8.47 10.16 15.62
CA LEU A 404 8.19 11.12 16.68
C LEU A 404 6.72 11.05 17.12
N TYR A 405 6.53 11.01 18.44
CA TYR A 405 5.22 11.18 19.07
C TYR A 405 5.44 12.10 20.31
N LYS A 406 4.79 13.26 20.43
CA LYS A 406 3.65 13.76 19.62
C LYS A 406 2.41 14.00 20.52
N LEU A 407 2.61 13.96 21.84
CA LEU A 407 1.48 13.96 22.77
C LEU A 407 1.66 14.98 23.88
N PRO A 408 0.86 16.06 23.85
CA PRO A 408 0.73 16.96 24.98
C PRO A 408 0.31 16.20 26.24
N PRO A 409 0.66 16.71 27.44
CA PRO A 409 0.12 16.14 28.68
C PRO A 409 -1.40 16.27 28.70
N ASN A 410 -2.10 15.28 29.25
CA ASN A 410 -3.56 15.31 29.33
C ASN A 410 -4.26 15.10 27.98
N TYR A 411 -3.50 14.75 26.95
CA TYR A 411 -4.11 14.54 25.63
C TYR A 411 -4.89 13.22 25.64
N GLU A 412 -6.11 13.26 25.13
CA GLU A 412 -6.93 12.08 25.01
C GLU A 412 -6.68 11.42 23.67
N ILE A 413 -6.09 10.26 23.73
CA ILE A 413 -5.49 9.61 22.57
C ILE A 413 -6.56 9.22 21.53
N ARG A 414 -7.81 9.07 21.99
CA ARG A 414 -8.92 8.76 21.10
C ARG A 414 -9.10 9.81 20.03
N HIS A 415 -8.51 11.01 20.26
CA HIS A 415 -8.56 12.13 19.32
C HIS A 415 -7.66 11.91 18.13
N LYS A 416 -6.67 11.02 18.25
CA LYS A 416 -5.78 10.69 17.14
C LYS A 416 -6.51 9.91 16.03
N PHE A 417 -7.62 9.29 16.37
CA PHE A 417 -8.25 8.30 15.53
C PHE A 417 -9.56 8.75 14.90
N LYS A 418 -9.87 8.20 13.73
CA LYS A 418 -11.11 8.46 13.04
C LYS A 418 -11.85 7.13 12.84
N LEU A 419 -12.82 6.86 13.72
CA LEU A 419 -13.54 5.58 13.69
C LEU A 419 -14.81 5.66 12.87
N TRP A 420 -15.28 6.88 12.62
CA TRP A 420 -16.58 7.10 12.01
C TRP A 420 -16.43 7.80 10.71
N ASN A 421 -16.99 7.21 9.66
CA ASN A 421 -16.97 7.85 8.36
C ASN A 421 -18.38 8.02 7.84
N PHE A 422 -18.86 9.27 7.91
CA PHE A 422 -20.23 9.56 7.53
C PHE A 422 -20.59 9.14 6.11
N ASN A 423 -19.58 9.01 5.25
CA ASN A 423 -19.75 8.54 3.85
C ASN A 423 -19.77 7.02 3.69
N ASN A 424 -19.35 6.28 4.73
CA ASN A 424 -19.29 4.83 4.67
C ASN A 424 -19.74 4.26 6.01
N GLN A 425 -21.05 4.21 6.20
CA GLN A 425 -21.66 3.96 7.51
C GLN A 425 -21.91 2.47 7.75
N ILE A 426 -21.75 2.04 9.01
CA ILE A 426 -21.80 0.64 9.38
C ILE A 426 -22.95 0.46 10.34
N SER A 427 -23.86 -0.48 10.06
CA SER A 427 -25.06 -0.57 10.91
C SER A 427 -24.67 -1.01 12.32
N ASP A 428 -25.57 -0.79 13.27
CA ASP A 428 -25.25 -1.03 14.66
C ASP A 428 -25.09 -2.51 15.03
N ASP A 429 -25.38 -3.41 14.07
CA ASP A 429 -25.24 -4.84 14.34
C ASP A 429 -24.08 -5.51 13.60
N ASN A 430 -23.16 -4.69 13.09
CA ASN A 430 -21.94 -5.18 12.51
C ASN A 430 -20.72 -4.59 13.20
N PRO A 431 -20.58 -4.82 14.51
CA PRO A 431 -19.41 -4.33 15.20
C PRO A 431 -18.09 -4.91 14.68
N ALA A 432 -18.12 -6.17 14.23
CA ALA A 432 -16.91 -6.83 13.75
C ALA A 432 -16.29 -6.06 12.56
N ARG A 433 -17.14 -5.68 11.60
CA ARG A 433 -16.72 -4.83 10.50
C ARG A 433 -16.11 -3.51 10.99
N PHE A 434 -16.79 -2.82 11.92
CA PHE A 434 -16.26 -1.61 12.53
C PHE A 434 -14.89 -1.88 13.12
N LEU A 435 -14.79 -2.95 13.91
CA LEU A 435 -13.49 -3.34 14.46
C LEU A 435 -12.45 -3.53 13.37
N GLN A 436 -12.75 -4.36 12.38
CA GLN A 436 -11.82 -4.66 11.31
C GLN A 436 -11.45 -3.43 10.52
N LYS A 437 -12.44 -2.60 10.21
CA LYS A 437 -12.15 -1.37 9.48
C LYS A 437 -11.17 -0.50 10.29
N ALA A 438 -11.33 -0.47 11.60
CA ALA A 438 -10.43 0.31 12.45
C ALA A 438 -9.01 -0.24 12.46
N MET A 439 -8.85 -1.55 12.30
CA MET A 439 -7.50 -2.16 12.30
C MET A 439 -6.80 -2.18 10.93
N ASP A 440 -7.50 -1.74 9.88
CA ASP A 440 -6.93 -1.50 8.55
C ASP A 440 -5.69 -0.58 8.59
N PHE A 441 -4.73 -0.87 7.73
CA PHE A 441 -3.40 -0.27 7.71
C PHE A 441 -3.30 1.27 7.46
N PRO A 442 -4.06 1.81 6.48
CA PRO A 442 -3.75 3.17 6.00
C PRO A 442 -3.49 4.24 7.08
N PHE A 443 -4.24 4.19 8.18
CA PHE A 443 -4.12 5.21 9.24
C PHE A 443 -2.73 5.23 9.89
N ILE A 444 -2.10 4.05 9.98
CA ILE A 444 -0.81 3.89 10.69
C ILE A 444 0.38 3.85 9.70
N CYS A 445 0.11 4.17 8.43
CA CYS A 445 1.08 4.00 7.33
C CYS A 445 2.39 4.78 7.50
N ASN A 446 2.31 5.98 8.09
CA ASN A 446 3.49 6.83 8.33
C ASN A 446 4.30 6.47 9.59
N SER A 447 3.99 5.31 10.17
CA SER A 447 4.77 4.71 11.23
C SER A 447 5.40 3.45 10.65
N PHE A 448 5.04 3.13 9.40
CA PHE A 448 5.45 1.89 8.74
C PHE A 448 6.21 2.16 7.44
N THR A 449 7.24 2.99 7.52
CA THR A 449 7.97 3.40 6.34
C THR A 449 9.38 2.82 6.35
N LYS A 450 10.17 3.18 5.32
CA LYS A 450 11.56 2.78 5.23
C LYS A 450 12.38 3.37 6.37
N PHE A 451 11.92 4.51 6.88
CA PHE A 451 12.60 5.16 8.00
C PHE A 451 12.55 4.28 9.24
N GLU A 452 11.41 3.65 9.49
CA GLU A 452 11.27 2.81 10.65
C GLU A 452 11.91 1.44 10.46
N PHE A 453 11.79 0.87 9.26
CA PHE A 453 12.08 -0.56 9.05
C PHE A 453 13.40 -0.90 8.35
N ASN A 454 14.11 0.11 7.83
CA ASN A 454 15.36 -0.15 7.16
C ASN A 454 16.41 -0.68 8.12
N THR A 455 17.31 -1.52 7.61
CA THR A 455 18.54 -1.85 8.34
C THR A 455 19.79 -1.44 7.54
N VAL A 456 19.71 -0.28 6.91
CA VAL A 456 20.85 0.34 6.24
C VAL A 456 21.58 1.22 7.26
N PHE A 457 20.94 2.32 7.67
CA PHE A 457 21.45 3.11 8.79
C PHE A 457 20.92 2.68 10.17
N ASN A 458 19.68 2.19 10.24
CA ASN A 458 19.10 1.71 11.50
C ASN A 458 19.58 0.32 11.89
N ASP A 459 19.90 0.14 13.17
CA ASP A 459 20.09 -1.22 13.70
C ASP A 459 18.77 -1.99 13.78
N GLN A 460 18.88 -3.29 13.95
CA GLN A 460 17.72 -4.14 14.11
C GLN A 460 16.98 -3.83 15.41
N ARG A 461 17.72 -3.54 16.48
CA ARG A 461 17.07 -3.17 17.74
C ARG A 461 16.23 -1.90 17.59
N THR A 462 16.66 -1.01 16.72
CA THR A 462 15.91 0.18 16.37
C THR A 462 14.62 -0.14 15.61
N VAL A 463 14.72 -1.02 14.63
CA VAL A 463 13.55 -1.46 13.88
C VAL A 463 12.48 -2.02 14.83
N PHE A 464 12.90 -2.91 15.73
CA PHE A 464 12.03 -3.46 16.75
C PHE A 464 11.35 -2.38 17.64
N ALA A 465 12.12 -1.39 18.09
CA ALA A 465 11.54 -0.28 18.87
C ALA A 465 10.52 0.51 18.05
N ASN A 466 10.92 0.92 16.85
CA ASN A 466 9.97 1.53 15.94
C ASN A 466 8.70 0.68 15.84
N PHE A 467 8.86 -0.62 15.62
CA PHE A 467 7.69 -1.48 15.43
C PHE A 467 6.81 -1.55 16.67
N TYR A 468 7.45 -1.69 17.82
CA TYR A 468 6.74 -1.81 19.07
C TYR A 468 5.92 -0.54 19.31
N ASP A 469 6.52 0.61 19.04
CA ASP A 469 5.85 1.88 19.19
C ASP A 469 4.62 2.00 18.27
N ALA A 470 4.76 1.57 17.02
CA ALA A 470 3.63 1.66 16.07
C ALA A 470 2.51 0.77 16.58
N MET A 471 2.87 -0.34 17.19
CA MET A 471 1.86 -1.30 17.65
C MET A 471 1.15 -0.84 18.93
N ILE A 472 1.84 -0.07 19.78
CA ILE A 472 1.23 0.62 20.89
C ILE A 472 0.16 1.61 20.36
N CYS A 473 0.50 2.38 19.34
CA CYS A 473 -0.54 3.23 18.72
C CYS A 473 -1.75 2.43 18.24
N VAL A 474 -1.50 1.38 17.46
CA VAL A 474 -2.59 0.46 16.98
C VAL A 474 -3.43 -0.10 18.14
N ALA A 475 -2.76 -0.42 19.25
CA ALA A 475 -3.45 -1.00 20.42
C ALA A 475 -4.39 0.02 21.08
N TYR A 476 -3.94 1.28 21.09
CA TYR A 476 -4.73 2.37 21.60
C TYR A 476 -5.92 2.62 20.69
N LYS A 477 -5.71 2.57 19.37
CA LYS A 477 -6.86 2.61 18.45
C LYS A 477 -7.81 1.46 18.76
N PHE A 478 -7.26 0.27 19.07
CA PHE A 478 -8.10 -0.90 19.34
C PHE A 478 -8.95 -0.61 20.55
N ASP A 479 -8.30 -0.02 21.55
CA ASP A 479 -8.94 0.26 22.80
C ASP A 479 -10.09 1.28 22.59
N ALA A 480 -9.83 2.27 21.73
CA ALA A 480 -10.81 3.30 21.42
C ALA A 480 -12.01 2.75 20.63
N ALA A 481 -11.73 1.88 19.66
CA ALA A 481 -12.77 1.02 19.06
C ALA A 481 -13.58 0.24 20.10
N MET A 482 -12.90 -0.36 21.08
CA MET A 482 -13.64 -1.11 22.10
C MET A 482 -14.62 -0.20 22.80
N MET A 483 -14.25 1.06 22.99
CA MET A 483 -15.08 1.96 23.77
C MET A 483 -16.30 2.32 22.94
N ALA A 484 -16.06 2.60 21.67
CA ALA A 484 -17.13 2.86 20.73
C ALA A 484 -18.02 1.64 20.60
N LEU A 485 -17.45 0.43 20.58
CA LEU A 485 -18.30 -0.76 20.38
C LEU A 485 -19.29 -0.93 21.55
N ARG A 486 -18.86 -0.55 22.76
CA ARG A 486 -19.69 -0.63 23.94
C ARG A 486 -20.78 0.46 24.04
N THR A 487 -20.43 1.69 23.67
CA THR A 487 -21.29 2.87 23.91
C THR A 487 -22.23 3.21 22.78
N SER A 488 -21.91 2.73 21.57
CA SER A 488 -22.73 3.04 20.40
C SER A 488 -23.30 1.78 19.69
N PHE A 489 -22.49 0.74 19.53
CA PHE A 489 -22.97 -0.49 18.89
C PHE A 489 -23.68 -1.28 19.95
N LEU A 490 -23.53 -0.81 21.18
CA LEU A 490 -24.07 -1.47 22.36
C LEU A 490 -23.75 -2.96 22.41
N VAL A 491 -22.47 -3.30 22.28
CA VAL A 491 -22.02 -4.72 22.41
C VAL A 491 -21.91 -5.15 23.88
N ASN A 492 -22.35 -6.36 24.19
CA ASN A 492 -22.13 -6.94 25.52
C ASN A 492 -21.28 -8.22 25.53
N ASP A 493 -21.35 -9.00 24.43
CA ASP A 493 -20.44 -10.15 24.25
C ASP A 493 -19.29 -9.83 23.30
N PHE A 494 -18.10 -9.69 23.87
CA PHE A 494 -16.93 -9.27 23.11
C PHE A 494 -16.13 -10.46 22.56
N GLY A 495 -16.78 -11.59 22.36
CA GLY A 495 -16.11 -12.83 21.96
C GLY A 495 -15.43 -12.78 20.59
N PHE A 496 -16.20 -12.42 19.56
CA PHE A 496 -15.72 -12.20 18.20
C PHE A 496 -14.43 -11.37 18.14
N ILE A 497 -14.16 -10.59 19.18
CA ILE A 497 -12.95 -9.76 19.24
C ILE A 497 -11.66 -10.58 19.13
N TRP A 498 -11.62 -11.74 19.80
CA TRP A 498 -10.39 -12.55 19.85
C TRP A 498 -9.77 -12.80 18.50
N LEU A 499 -10.58 -13.31 17.56
CA LEU A 499 -10.05 -13.66 16.24
C LEU A 499 -9.74 -12.43 15.39
N VAL A 500 -10.45 -11.33 15.61
CA VAL A 500 -10.13 -10.10 14.90
C VAL A 500 -8.77 -9.57 15.42
N LEU A 501 -8.62 -9.52 16.75
CA LEU A 501 -7.35 -9.16 17.37
C LEU A 501 -6.19 -10.05 16.85
N SER A 502 -6.37 -11.37 16.91
CA SER A 502 -5.40 -12.36 16.35
C SER A 502 -5.02 -12.14 14.87
N SER A 503 -6.01 -12.01 13.98
CA SER A 503 -5.75 -11.63 12.59
C SER A 503 -4.92 -10.35 12.46
N THR A 504 -5.31 -9.32 13.21
CA THR A 504 -4.60 -8.04 13.24
C THR A 504 -3.14 -8.20 13.61
N VAL A 505 -2.84 -8.89 14.70
CA VAL A 505 -1.42 -9.12 15.08
C VAL A 505 -0.67 -9.87 13.97
N ARG A 506 -1.34 -10.87 13.41
CA ARG A 506 -0.79 -11.57 12.26
C ARG A 506 -0.49 -10.60 11.09
N ALA A 507 -1.45 -9.76 10.74
CA ALA A 507 -1.34 -8.85 9.59
C ALA A 507 -0.27 -7.79 9.76
N TYR A 508 -0.17 -7.20 10.95
CA TYR A 508 0.81 -6.15 11.17
C TYR A 508 2.23 -6.72 11.25
N ALA A 509 2.37 -7.87 11.91
CA ALA A 509 3.62 -8.62 11.91
C ALA A 509 4.09 -8.97 10.49
N SER A 510 3.14 -9.29 9.62
CA SER A 510 3.46 -9.65 8.26
C SER A 510 3.89 -8.43 7.44
N ARG A 511 3.17 -7.32 7.58
CA ARG A 511 3.59 -6.09 6.89
C ARG A 511 4.97 -5.64 7.36
N ALA A 512 5.24 -5.76 8.66
CA ALA A 512 6.55 -5.46 9.18
C ALA A 512 7.64 -6.34 8.53
N PHE A 513 7.41 -7.66 8.53
CA PHE A 513 8.36 -8.62 7.94
C PHE A 513 8.76 -8.22 6.51
N LYS A 514 7.76 -7.90 5.69
CA LYS A 514 7.98 -7.51 4.30
C LYS A 514 8.75 -6.22 4.17
N LYS A 515 8.38 -5.21 4.96
CA LYS A 515 9.08 -3.94 4.94
C LYS A 515 10.55 -4.12 5.33
N ILE A 516 10.80 -4.97 6.33
CA ILE A 516 12.14 -5.26 6.80
C ILE A 516 12.99 -5.95 5.71
N VAL A 517 12.35 -6.86 4.97
CA VAL A 517 13.01 -7.56 3.86
C VAL A 517 13.34 -6.58 2.72
N THR A 518 12.35 -5.80 2.31
CA THR A 518 12.51 -4.83 1.22
C THR A 518 13.62 -3.80 1.47
N TYR A 519 13.73 -3.33 2.71
CA TYR A 519 14.67 -2.28 3.04
C TYR A 519 15.83 -2.79 3.89
N LYS A 520 16.11 -4.08 3.72
CA LYS A 520 17.23 -4.75 4.38
C LYS A 520 18.56 -4.12 3.97
N GLY A 521 19.40 -3.86 4.96
CA GLY A 521 20.76 -3.40 4.68
C GLY A 521 21.79 -4.13 5.52
N GLY A 522 23.04 -3.67 5.43
CA GLY A 522 24.17 -4.33 6.07
C GLY A 522 24.05 -4.57 7.57
N LYS A 523 23.12 -3.89 8.24
CA LYS A 523 22.98 -4.02 9.71
C LYS A 523 21.98 -5.11 10.11
N TYR A 524 21.36 -5.74 9.11
CA TYR A 524 20.41 -6.81 9.36
C TYR A 524 21.10 -7.94 10.08
N ARG A 525 20.43 -8.54 11.06
CA ARG A 525 20.99 -9.73 11.72
C ARG A 525 20.13 -10.94 11.39
N LYS A 526 18.90 -10.92 11.88
CA LYS A 526 17.93 -11.96 11.67
C LYS A 526 16.64 -11.57 12.34
N VAL A 527 15.58 -11.42 11.54
CA VAL A 527 14.25 -11.11 12.03
C VAL A 527 13.28 -12.24 11.63
N THR A 528 12.65 -12.87 12.61
CA THR A 528 11.63 -13.83 12.29
C THR A 528 10.25 -13.22 12.41
N PHE A 529 9.29 -13.83 11.71
CA PHE A 529 7.88 -13.53 11.88
C PHE A 529 7.46 -13.71 13.34
N GLN A 530 7.94 -14.79 13.96
CA GLN A 530 7.66 -15.09 15.36
C GLN A 530 8.09 -13.93 16.28
N CYS A 531 9.29 -13.42 16.08
CA CYS A 531 9.79 -12.32 16.91
C CYS A 531 8.89 -11.07 16.82
N LEU A 532 8.53 -10.70 15.59
CA LEU A 532 7.65 -9.59 15.34
C LEU A 532 6.29 -9.79 15.97
N LYS A 533 5.76 -11.00 15.86
CA LYS A 533 4.45 -11.28 16.41
C LYS A 533 4.44 -11.05 17.91
N SER A 534 5.53 -11.46 18.57
CA SER A 534 5.68 -11.28 20.02
C SER A 534 5.76 -9.82 20.46
N ILE A 535 6.54 -9.03 19.73
CA ILE A 535 6.64 -7.58 19.98
C ILE A 535 5.24 -6.93 19.89
N ALA A 536 4.47 -7.34 18.88
CA ALA A 536 3.10 -6.87 18.69
C ALA A 536 2.18 -7.24 19.87
N TRP A 537 2.20 -8.51 20.27
CA TRP A 537 1.40 -8.94 21.43
C TRP A 537 1.77 -8.15 22.66
N ARG A 538 3.06 -7.83 22.77
CA ARG A 538 3.54 -7.12 23.94
C ARG A 538 3.00 -5.71 23.93
N ALA A 539 2.82 -5.16 22.72
CA ALA A 539 2.40 -3.77 22.57
C ALA A 539 0.95 -3.66 22.97
N PHE A 540 0.17 -4.70 22.62
CA PHE A 540 -1.23 -4.77 22.98
C PHE A 540 -1.38 -4.96 24.48
N LEU A 541 -0.59 -5.87 25.05
CA LEU A 541 -0.57 -6.06 26.50
C LEU A 541 -0.28 -4.79 27.28
N ALA A 542 0.63 -3.97 26.80
CA ALA A 542 1.03 -2.83 27.58
C ALA A 542 -0.12 -1.79 27.65
N VAL A 543 -1.05 -1.86 26.69
CA VAL A 543 -2.16 -0.91 26.62
C VAL A 543 -3.36 -1.50 27.32
N LEU A 544 -3.65 -2.76 27.04
CA LEU A 544 -4.80 -3.41 27.62
C LEU A 544 -4.71 -3.41 29.15
N LYS A 545 -3.47 -3.47 29.67
CA LYS A 545 -3.23 -3.53 31.13
C LYS A 545 -3.73 -2.29 31.82
N ARG A 546 -3.82 -1.20 31.05
CA ARG A 546 -4.33 0.08 31.57
C ARG A 546 -5.80 0.00 31.99
N ARG A 547 -6.49 -1.06 31.58
CA ARG A 547 -7.85 -1.36 32.07
C ARG A 547 -7.93 -2.82 32.48
N THR A 548 -7.18 -3.17 33.52
CA THR A 548 -7.03 -4.58 33.93
C THR A 548 -8.37 -5.23 34.27
N GLU A 549 -9.29 -4.47 34.85
CA GLU A 549 -10.64 -4.97 35.18
C GLU A 549 -11.47 -5.33 33.93
N ILE A 550 -11.47 -4.44 32.95
CA ILE A 550 -12.17 -4.71 31.70
C ILE A 550 -11.47 -5.81 30.87
N TYR A 551 -10.15 -5.75 30.81
CA TYR A 551 -9.42 -6.58 29.86
C TYR A 551 -8.73 -7.83 30.48
N LYS A 552 -8.96 -8.03 31.78
CA LYS A 552 -8.51 -9.20 32.52
C LYS A 552 -8.46 -10.49 31.73
N GLY A 553 -9.62 -10.92 31.25
CA GLY A 553 -9.75 -12.19 30.54
C GLY A 553 -8.92 -12.20 29.26
N LEU A 554 -8.85 -11.05 28.59
CA LEU A 554 -8.17 -10.94 27.31
C LEU A 554 -6.65 -11.05 27.51
N ILE A 555 -6.13 -10.27 28.45
CA ILE A 555 -4.74 -10.36 28.90
C ILE A 555 -4.35 -11.78 29.27
N ASP A 556 -5.17 -12.47 30.07
CA ASP A 556 -4.90 -13.85 30.44
C ASP A 556 -4.87 -14.78 29.25
N ARG A 557 -5.84 -14.62 28.33
CA ARG A 557 -5.81 -15.39 27.10
C ARG A 557 -4.50 -15.15 26.33
N ILE A 558 -4.01 -13.91 26.30
CA ILE A 558 -2.83 -13.64 25.52
C ILE A 558 -1.62 -14.35 26.14
N LYS A 559 -1.52 -14.26 27.46
CA LYS A 559 -0.41 -14.86 28.18
C LYS A 559 -0.44 -16.39 28.14
N SER A 560 -1.64 -16.97 28.09
CA SER A 560 -1.69 -18.43 28.05
C SER A 560 -1.61 -19.01 26.66
N ARG A 561 -2.02 -18.25 25.65
CA ARG A 561 -2.18 -18.77 24.30
C ARG A 561 -1.11 -18.32 23.33
N GLU A 562 -0.53 -17.14 23.57
CA GLU A 562 0.49 -16.61 22.68
C GLU A 562 1.88 -16.66 23.27
N LYS A 563 2.84 -16.71 22.37
CA LYS A 563 4.23 -16.65 22.68
C LYS A 563 4.64 -15.19 22.85
N LEU A 564 5.11 -14.82 24.04
CA LEU A 564 5.50 -13.42 24.37
C LEU A 564 7.02 -13.21 24.54
N THR A 565 7.76 -14.30 24.61
CA THR A 565 9.22 -14.25 24.74
C THR A 565 9.85 -14.31 23.35
N MET A 566 10.91 -13.54 23.13
CA MET A 566 11.61 -13.57 21.84
C MET A 566 13.11 -13.60 22.04
N LYS A 567 13.81 -14.14 21.06
CA LYS A 567 15.26 -14.16 21.04
C LYS A 567 15.79 -12.88 20.37
N PHE A 568 16.75 -12.22 21.03
CA PHE A 568 17.38 -11.01 20.47
C PHE A 568 18.76 -11.33 19.93
N HIS A 569 19.22 -10.56 18.94
CA HIS A 569 20.50 -10.84 18.29
C HIS A 569 21.51 -9.75 18.42
N ASP A 570 21.18 -8.74 19.20
CA ASP A 570 22.12 -7.67 19.48
C ASP A 570 22.23 -7.50 21.00
N GLY A 571 23.43 -7.59 21.52
CA GLY A 571 23.65 -7.47 22.98
C GLY A 571 23.48 -6.05 23.49
N GLU A 572 23.24 -5.12 22.58
CA GLU A 572 23.13 -3.70 22.89
C GLU A 572 21.66 -3.33 23.05
N VAL A 573 20.79 -4.28 22.71
CA VAL A 573 19.35 -4.09 22.81
C VAL A 573 19.00 -3.68 24.22
N ASP A 574 18.04 -2.76 24.34
CA ASP A 574 17.38 -2.52 25.61
C ASP A 574 16.17 -3.42 25.68
N ALA A 575 16.31 -4.51 26.40
CA ALA A 575 15.24 -5.52 26.46
C ALA A 575 14.08 -5.00 27.29
N SER A 576 14.37 -4.05 28.19
CA SER A 576 13.35 -3.51 29.06
C SER A 576 12.32 -2.71 28.28
N TYR A 577 12.73 -2.14 27.16
CA TYR A 577 11.80 -1.34 26.39
C TYR A 577 10.50 -2.11 26.11
N PHE A 578 10.61 -3.42 25.96
CA PHE A 578 9.48 -4.23 25.49
C PHE A 578 8.56 -4.75 26.60
N CYS A 579 8.88 -4.35 27.83
CA CYS A 579 8.22 -4.82 29.05
C CYS A 579 7.04 -3.94 29.42
N LYS A 580 7.09 -2.69 28.99
CA LYS A 580 6.26 -1.65 29.55
C LYS A 580 5.85 -0.62 28.50
N LEU A 581 4.80 0.12 28.81
CA LEU A 581 4.53 1.35 28.09
C LEU A 581 5.78 2.21 28.14
N PRO A 582 6.27 2.67 26.98
CA PRO A 582 7.26 3.73 26.96
C PRO A 582 6.67 4.99 27.54
N GLU A 583 7.49 5.77 28.25
CA GLU A 583 6.98 6.95 28.94
C GLU A 583 6.25 7.99 28.03
N LYS A 584 6.67 8.12 26.77
CA LYS A 584 5.94 8.99 25.84
C LYS A 584 4.47 8.56 25.62
N PHE A 585 4.18 7.26 25.83
CA PHE A 585 2.81 6.75 25.70
C PHE A 585 2.13 6.47 27.05
N ARG A 586 2.88 6.60 28.14
CA ARG A 586 2.44 6.07 29.43
C ARG A 586 1.34 6.88 30.09
N PHE A 587 1.25 8.17 29.78
CA PHE A 587 0.31 9.06 30.48
C PHE A 587 -0.67 9.78 29.56
N VAL A 588 -0.97 9.19 28.40
CA VAL A 588 -2.05 9.72 27.56
C VAL A 588 -3.35 9.43 28.27
N LYS A 589 -4.32 10.33 28.16
CA LYS A 589 -5.62 10.12 28.80
C LYS A 589 -6.45 9.11 27.99
N ILE A 590 -7.03 8.13 28.69
CA ILE A 590 -7.94 7.19 28.04
C ILE A 590 -9.34 7.23 28.64
N ASN A 591 -9.59 8.15 29.55
CA ASN A 591 -10.88 8.23 30.19
C ASN A 591 -11.63 9.47 29.72
N ARG A 592 -12.82 9.24 29.19
CA ARG A 592 -13.63 10.30 28.64
C ARG A 592 -14.56 10.89 29.70
N LYS A 593 -14.39 12.17 30.01
CA LYS A 593 -15.40 12.86 30.84
C LYS A 593 -15.63 14.34 30.49
N ALA A 594 -16.89 14.78 30.62
CA ALA A 594 -17.29 16.19 30.33
C ALA A 594 -16.65 17.19 31.28
N SER A 595 -16.13 18.28 30.71
CA SER A 595 -15.37 19.29 31.46
C SER A 595 -15.91 20.72 31.22
N ILE A 596 -17.04 20.82 30.53
CA ILE A 596 -17.76 22.09 30.36
C ILE A 596 -19.29 21.94 30.50
N MET B 1 13.03 -24.57 13.25
CA MET B 1 12.63 -23.47 12.32
C MET B 1 12.32 -23.94 10.88
N VAL B 2 12.81 -25.14 10.51
CA VAL B 2 12.56 -25.67 9.15
C VAL B 2 11.31 -26.54 9.08
N HIS B 3 10.34 -26.11 8.26
CA HIS B 3 9.06 -26.80 8.15
C HIS B 3 8.85 -27.42 6.76
N TYR B 4 9.53 -26.85 5.75
CA TYR B 4 9.26 -27.09 4.35
C TYR B 4 10.28 -28.00 3.67
N TYR B 5 9.79 -28.79 2.73
CA TYR B 5 10.63 -29.47 1.80
C TYR B 5 10.36 -28.86 0.43
N ARG B 6 11.39 -28.33 -0.21
CA ARG B 6 11.21 -27.74 -1.52
C ARG B 6 10.97 -28.82 -2.58
N LEU B 7 10.09 -28.54 -3.53
CA LEU B 7 9.81 -29.52 -4.60
C LEU B 7 10.77 -29.42 -5.78
N SER B 8 11.57 -28.38 -5.79
CA SER B 8 12.47 -28.07 -6.91
C SER B 8 13.49 -29.19 -7.19
N LEU B 9 13.61 -29.57 -8.45
CA LEU B 9 14.66 -30.49 -8.89
C LEU B 9 16.07 -29.97 -8.52
N LYS B 10 16.24 -28.65 -8.55
CA LYS B 10 17.56 -28.00 -8.32
C LYS B 10 18.29 -28.46 -7.05
N SER B 11 17.53 -28.86 -6.05
CA SER B 11 18.10 -29.34 -4.80
C SER B 11 18.27 -30.86 -4.74
N ARG B 12 18.24 -31.53 -5.90
CA ARG B 12 18.52 -32.97 -5.96
C ARG B 12 19.98 -33.28 -5.63
N GLN B 13 20.24 -34.51 -5.23
CA GLN B 13 21.61 -34.93 -4.92
C GLN B 13 22.09 -36.06 -5.80
N LYS B 14 23.41 -36.20 -5.91
CA LYS B 14 23.99 -37.34 -6.60
C LYS B 14 24.02 -38.53 -5.64
N ALA B 15 23.24 -39.56 -5.98
CA ALA B 15 23.23 -40.81 -5.21
C ALA B 15 24.61 -41.45 -5.15
N PRO B 16 25.01 -41.91 -3.95
CA PRO B 16 26.19 -42.75 -3.84
C PRO B 16 25.89 -44.14 -4.40
N LYS B 17 26.92 -44.98 -4.48
CA LYS B 17 26.74 -46.36 -4.92
C LYS B 17 25.96 -47.16 -3.87
N ILE B 18 26.35 -47.01 -2.61
CA ILE B 18 25.61 -47.60 -1.48
C ILE B 18 25.51 -46.59 -0.34
N VAL B 19 24.57 -46.82 0.57
CA VAL B 19 24.42 -45.92 1.71
C VAL B 19 25.41 -46.21 2.82
N ASN B 20 25.65 -45.19 3.65
CA ASN B 20 26.50 -45.32 4.82
C ASN B 20 25.74 -45.91 6.01
N SER B 21 26.47 -46.18 7.10
CA SER B 21 25.90 -46.79 8.31
C SER B 21 24.65 -46.07 8.82
N LYS B 22 24.52 -44.80 8.46
CA LYS B 22 23.37 -43.97 8.86
C LYS B 22 22.01 -44.54 8.40
N TYR B 23 22.00 -45.21 7.26
CA TYR B 23 20.74 -45.66 6.64
C TYR B 23 20.61 -47.16 6.64
N ASN B 24 19.37 -47.64 6.69
CA ASN B 24 19.09 -49.04 6.48
C ASN B 24 19.52 -49.41 5.06
N SER B 25 20.19 -50.55 4.93
CA SER B 25 20.75 -50.96 3.65
C SER B 25 19.67 -51.33 2.62
N ILE B 26 18.39 -51.23 3.02
CA ILE B 26 17.29 -51.40 2.07
C ILE B 26 17.38 -50.37 0.93
N LEU B 27 17.85 -49.16 1.25
CA LEU B 27 18.11 -48.11 0.27
C LEU B 27 19.09 -48.54 -0.82
N ASN B 28 19.99 -49.45 -0.46
CA ASN B 28 20.92 -50.03 -1.44
C ASN B 28 20.22 -50.72 -2.61
N ILE B 29 19.13 -51.44 -2.33
CA ILE B 29 18.34 -52.11 -3.37
C ILE B 29 17.77 -51.08 -4.36
N ALA B 30 17.25 -49.99 -3.81
CA ALA B 30 16.65 -48.94 -4.62
C ALA B 30 17.71 -48.22 -5.45
N LEU B 31 18.88 -48.00 -4.86
CA LEU B 31 20.01 -47.41 -5.59
C LEU B 31 20.41 -48.26 -6.78
N LYS B 32 20.39 -49.57 -6.59
CA LYS B 32 20.85 -50.52 -7.58
C LYS B 32 19.88 -50.44 -8.75
N ASN B 33 18.59 -50.55 -8.43
CA ASN B 33 17.53 -50.46 -9.42
C ASN B 33 17.54 -49.18 -10.21
N PHE B 34 17.84 -48.06 -9.55
CA PHE B 34 18.00 -46.77 -10.22
C PHE B 34 19.07 -46.83 -11.33
N ARG B 35 20.30 -47.18 -10.94
CA ARG B 35 21.36 -47.42 -11.92
C ARG B 35 20.90 -48.35 -13.06
N LEU B 36 20.25 -49.46 -12.71
CA LEU B 36 19.76 -50.43 -13.69
C LEU B 36 18.76 -49.82 -14.65
N CYS B 37 17.87 -48.99 -14.12
CA CYS B 37 16.87 -48.31 -14.95
C CYS B 37 17.54 -47.36 -15.98
N LYS B 38 18.51 -46.58 -15.50
CA LYS B 38 19.23 -45.64 -16.36
C LYS B 38 19.99 -46.37 -17.47
N LYS B 39 20.51 -47.55 -17.17
CA LYS B 39 21.23 -48.35 -18.16
C LYS B 39 20.32 -48.96 -19.22
N HIS B 40 19.05 -49.14 -18.89
CA HIS B 40 18.10 -49.77 -19.80
C HIS B 40 17.54 -48.85 -20.85
N LYS B 41 17.86 -49.12 -22.10
CA LYS B 41 17.34 -48.35 -23.22
C LYS B 41 16.11 -49.04 -23.81
N THR B 42 14.93 -48.58 -23.39
CA THR B 42 13.68 -48.89 -24.06
C THR B 42 13.23 -47.73 -24.92
N LYS B 43 12.70 -48.05 -26.10
CA LYS B 43 11.94 -47.09 -26.89
C LYS B 43 10.48 -47.03 -26.40
N LYS B 44 10.22 -47.72 -25.28
CA LYS B 44 8.97 -47.64 -24.53
C LYS B 44 8.94 -46.35 -23.67
N PRO B 45 8.04 -45.41 -24.01
CA PRO B 45 7.91 -44.12 -23.32
C PRO B 45 7.97 -44.19 -21.79
N VAL B 46 8.56 -43.16 -21.20
CA VAL B 46 8.86 -43.10 -19.79
C VAL B 46 7.70 -42.55 -18.93
N GLN B 47 7.20 -43.39 -18.00
CA GLN B 47 6.26 -42.93 -16.95
C GLN B 47 6.91 -43.02 -15.54
N ILE B 48 7.26 -41.88 -14.97
CA ILE B 48 8.04 -41.87 -13.73
C ILE B 48 7.44 -42.67 -12.58
N LEU B 49 6.14 -42.52 -12.33
CA LEU B 49 5.50 -43.24 -11.21
C LEU B 49 5.66 -44.74 -11.34
N ALA B 50 5.35 -45.25 -12.54
CA ALA B 50 5.43 -46.68 -12.81
C ALA B 50 6.87 -47.19 -12.67
N LEU B 51 7.83 -46.35 -13.05
CA LEU B 51 9.22 -46.74 -13.08
C LEU B 51 9.76 -46.81 -11.65
N LEU B 52 9.39 -45.80 -10.85
CA LEU B 52 9.78 -45.72 -9.45
C LEU B 52 9.23 -46.88 -8.63
N GLN B 53 8.05 -47.37 -8.99
CA GLN B 53 7.44 -48.50 -8.27
C GLN B 53 8.15 -49.85 -8.57
N GLU B 54 9.07 -49.85 -9.53
CA GLU B 54 9.97 -50.99 -9.71
C GLU B 54 11.29 -50.75 -9.00
N ILE B 55 11.67 -49.48 -8.89
CA ILE B 55 12.93 -49.07 -8.32
C ILE B 55 12.92 -49.16 -6.79
N ILE B 56 11.97 -48.49 -6.14
CA ILE B 56 11.84 -48.58 -4.69
C ILE B 56 11.02 -49.82 -4.39
N PRO B 57 11.61 -50.83 -3.74
CA PRO B 57 10.86 -52.08 -3.56
C PRO B 57 9.74 -51.90 -2.56
N LYS B 58 8.63 -52.61 -2.76
CA LYS B 58 7.45 -52.38 -1.94
C LYS B 58 7.73 -52.63 -0.46
N SER B 59 8.70 -53.49 -0.20
CA SER B 59 9.06 -53.82 1.16
C SER B 59 9.54 -52.58 1.96
N TYR B 60 9.97 -51.53 1.25
CA TYR B 60 10.30 -50.27 1.91
C TYR B 60 9.05 -49.60 2.53
N PHE B 61 7.89 -49.79 1.90
CA PHE B 61 6.64 -49.21 2.41
C PHE B 61 5.81 -50.17 3.25
N GLY B 62 5.99 -51.48 3.06
CA GLY B 62 5.20 -52.45 3.80
C GLY B 62 3.79 -52.64 3.25
N THR B 63 3.03 -51.56 3.16
CA THR B 63 1.65 -51.62 2.65
C THR B 63 1.38 -50.66 1.50
N THR B 64 0.35 -50.99 0.74
CA THR B 64 -0.12 -50.14 -0.33
C THR B 64 -0.49 -48.73 0.18
N THR B 65 -1.03 -48.66 1.39
CA THR B 65 -1.43 -47.35 1.93
C THR B 65 -0.23 -46.46 2.16
N ASN B 66 0.81 -46.98 2.82
CA ASN B 66 2.07 -46.26 2.95
C ASN B 66 2.68 -45.87 1.60
N LEU B 67 2.65 -46.79 0.65
CA LEU B 67 3.23 -46.53 -0.64
C LEU B 67 2.49 -45.35 -1.30
N LYS B 68 1.17 -45.37 -1.23
CA LYS B 68 0.38 -44.30 -1.87
C LYS B 68 0.60 -42.90 -1.26
N ARG B 69 0.93 -42.86 0.03
CA ARG B 69 1.24 -41.58 0.68
C ARG B 69 2.50 -40.97 0.12
N PHE B 70 3.59 -41.75 0.09
CA PHE B 70 4.87 -41.27 -0.45
C PHE B 70 4.70 -40.73 -1.87
N TYR B 71 3.96 -41.45 -2.69
CA TYR B 71 3.86 -41.16 -4.12
C TYR B 71 2.97 -39.95 -4.44
N LYS B 72 2.04 -39.60 -3.56
CA LYS B 72 1.38 -38.30 -3.69
C LYS B 72 2.40 -37.15 -3.66
N VAL B 73 3.47 -37.31 -2.87
CA VAL B 73 4.54 -36.31 -2.90
C VAL B 73 5.27 -36.29 -4.24
N VAL B 74 5.60 -37.49 -4.73
CA VAL B 74 6.24 -37.66 -6.03
C VAL B 74 5.35 -37.03 -7.08
N GLU B 75 4.06 -37.27 -6.97
CA GLU B 75 3.12 -36.68 -7.88
C GLU B 75 3.17 -35.13 -7.84
N LYS B 76 3.34 -34.56 -6.65
CA LYS B 76 3.42 -33.10 -6.53
C LYS B 76 4.65 -32.60 -7.24
N ILE B 77 5.75 -33.33 -7.06
CA ILE B 77 7.01 -32.98 -7.68
C ILE B 77 6.84 -33.00 -9.18
N LEU B 78 6.12 -34.01 -9.68
CA LEU B 78 5.91 -34.17 -11.13
C LEU B 78 5.02 -33.07 -11.77
N THR B 79 4.37 -32.27 -10.94
CA THR B 79 3.41 -31.25 -11.40
C THR B 79 3.67 -29.87 -10.69
N GLN B 80 4.87 -29.71 -10.14
CA GLN B 80 5.21 -28.56 -9.29
C GLN B 80 5.14 -27.22 -10.02
N SER B 81 4.96 -26.14 -9.27
CA SER B 81 5.25 -24.79 -9.79
C SER B 81 6.55 -24.35 -9.16
N SER B 82 7.16 -23.30 -9.70
CA SER B 82 8.34 -22.70 -9.08
C SER B 82 8.00 -22.32 -7.67
N PHE B 83 8.93 -22.57 -6.75
CA PHE B 83 8.82 -22.18 -5.34
C PHE B 83 7.92 -23.08 -4.49
N GLU B 84 7.13 -23.95 -5.11
CA GLU B 84 6.24 -24.82 -4.36
C GLU B 84 7.02 -25.70 -3.36
N CYS B 85 6.51 -25.76 -2.13
CA CYS B 85 7.01 -26.69 -1.13
C CYS B 85 5.85 -27.52 -0.66
N ILE B 86 6.15 -28.49 0.18
CA ILE B 86 5.17 -29.15 1.03
C ILE B 86 5.77 -29.10 2.43
N HIS B 87 4.99 -29.45 3.45
CA HIS B 87 5.57 -29.68 4.80
C HIS B 87 6.45 -30.91 4.92
N LEU B 88 7.57 -30.76 5.62
CA LEU B 88 8.46 -31.87 5.94
C LEU B 88 7.73 -32.98 6.71
N SER B 89 6.74 -32.59 7.51
CA SER B 89 5.98 -33.54 8.33
C SER B 89 5.07 -34.51 7.55
N VAL B 90 4.79 -34.20 6.27
CA VAL B 90 3.97 -35.09 5.45
C VAL B 90 4.73 -36.35 5.12
N LEU B 91 6.02 -36.34 5.42
CA LEU B 91 6.87 -37.46 5.09
C LEU B 91 6.94 -38.44 6.23
N HIS B 92 6.17 -38.19 7.28
CA HIS B 92 6.11 -39.13 8.42
C HIS B 92 4.78 -39.28 9.08
N LYS B 93 3.89 -38.31 8.91
CA LYS B 93 2.61 -38.34 9.60
C LYS B 93 1.63 -39.29 8.95
N CYS B 94 0.86 -39.97 9.80
CA CYS B 94 -0.24 -40.84 9.35
C CYS B 94 0.25 -42.08 8.56
N TYR B 95 1.55 -42.34 8.60
CA TYR B 95 2.10 -43.60 8.08
C TYR B 95 1.83 -44.74 9.06
N ASP B 96 1.52 -45.92 8.52
CA ASP B 96 1.29 -47.11 9.34
C ASP B 96 2.65 -47.72 9.70
N TYR B 97 3.13 -47.41 10.90
CA TYR B 97 4.47 -47.79 11.31
C TYR B 97 4.62 -49.26 11.70
N ASP B 98 3.53 -49.87 12.15
CA ASP B 98 3.55 -51.30 12.48
C ASP B 98 3.89 -52.15 11.24
N ALA B 99 3.47 -51.68 10.08
CA ALA B 99 3.54 -52.48 8.85
C ALA B 99 4.82 -52.29 8.03
N ILE B 100 5.74 -51.44 8.51
CA ILE B 100 7.01 -51.20 7.81
C ILE B 100 8.10 -52.10 8.38
N PRO B 101 8.46 -53.19 7.65
CA PRO B 101 9.33 -54.26 8.15
C PRO B 101 10.66 -53.77 8.67
N TRP B 102 11.36 -52.93 7.90
CA TRP B 102 12.73 -52.52 8.26
C TRP B 102 12.77 -51.58 9.44
N LEU B 103 11.60 -51.27 10.00
CA LEU B 103 11.52 -50.37 11.14
C LEU B 103 11.10 -51.13 12.40
N GLN B 104 10.83 -52.43 12.26
CA GLN B 104 10.28 -53.23 13.36
C GLN B 104 11.21 -53.44 14.56
N ASN B 105 12.52 -53.54 14.32
CA ASN B 105 13.49 -53.65 15.40
C ASN B 105 13.98 -52.27 15.92
N VAL B 106 13.19 -51.24 15.65
CA VAL B 106 13.48 -49.89 16.12
C VAL B 106 12.34 -49.44 17.04
N GLU B 107 12.72 -48.85 18.18
CA GLU B 107 11.74 -48.47 19.21
C GLU B 107 10.77 -47.40 18.72
N PRO B 108 9.45 -47.68 18.81
CA PRO B 108 8.35 -46.90 18.25
C PRO B 108 8.59 -45.39 18.19
N ASN B 109 9.20 -44.85 19.25
CA ASN B 109 9.40 -43.41 19.39
C ASN B 109 10.34 -42.81 18.34
N LEU B 110 11.36 -43.57 17.95
CA LEU B 110 12.39 -43.06 17.05
C LEU B 110 12.06 -43.29 15.57
N ARG B 111 10.91 -43.92 15.32
CA ARG B 111 10.55 -44.36 13.97
C ARG B 111 10.27 -43.21 12.98
N PRO B 112 9.36 -42.27 13.34
CA PRO B 112 8.99 -41.23 12.40
C PRO B 112 10.17 -40.41 11.87
N LYS B 113 11.14 -40.12 12.74
CA LYS B 113 12.37 -39.43 12.34
C LYS B 113 13.20 -40.28 11.38
N LEU B 114 13.19 -41.59 11.60
CA LEU B 114 13.89 -42.49 10.67
C LEU B 114 13.19 -42.58 9.32
N LEU B 115 11.87 -42.72 9.32
CA LEU B 115 11.12 -42.74 8.05
C LEU B 115 11.31 -41.43 7.28
N LEU B 116 11.33 -40.32 8.01
CA LEU B 116 11.52 -39.01 7.41
C LEU B 116 12.89 -38.96 6.73
N LYS B 117 13.92 -39.31 7.48
CA LYS B 117 15.28 -39.28 6.98
C LYS B 117 15.44 -40.15 5.72
N HIS B 118 14.83 -41.34 5.74
CA HIS B 118 14.89 -42.27 4.61
C HIS B 118 14.00 -41.87 3.47
N ASN B 119 12.83 -41.30 3.76
CA ASN B 119 12.00 -40.74 2.70
C ASN B 119 12.75 -39.63 1.98
N LEU B 120 13.31 -38.69 2.77
CA LEU B 120 14.13 -37.62 2.22
C LEU B 120 15.26 -38.19 1.31
N PHE B 121 16.03 -39.17 1.80
CA PHE B 121 17.05 -39.82 0.94
C PHE B 121 16.48 -40.22 -0.42
N LEU B 122 15.41 -41.01 -0.41
CA LEU B 122 14.78 -41.46 -1.67
C LEU B 122 14.38 -40.28 -2.57
N LEU B 123 13.74 -39.26 -2.01
CA LEU B 123 13.30 -38.11 -2.80
C LEU B 123 14.49 -37.33 -3.38
N ASP B 124 15.56 -37.21 -2.59
CA ASP B 124 16.71 -36.38 -2.97
C ASP B 124 17.65 -37.11 -3.93
N ASN B 125 17.74 -38.43 -3.80
CA ASN B 125 18.77 -39.20 -4.53
C ASN B 125 18.23 -40.05 -5.70
N ILE B 126 16.94 -40.33 -5.69
CA ILE B 126 16.34 -41.21 -6.69
C ILE B 126 15.18 -40.57 -7.42
N VAL B 127 14.27 -39.93 -6.67
CA VAL B 127 13.05 -39.40 -7.26
C VAL B 127 13.34 -38.17 -8.10
N LYS B 128 13.86 -37.13 -7.48
CA LYS B 128 14.31 -35.97 -8.21
C LYS B 128 15.35 -36.30 -9.32
N PRO B 129 16.43 -37.06 -8.98
CA PRO B 129 17.36 -37.49 -10.04
C PRO B 129 16.76 -38.25 -11.22
N ILE B 130 15.79 -39.16 -10.99
CA ILE B 130 15.15 -39.86 -12.13
C ILE B 130 14.39 -38.92 -13.09
N ILE B 131 13.62 -37.99 -12.52
CA ILE B 131 12.88 -37.03 -13.32
C ILE B 131 13.86 -36.20 -14.15
N ALA B 132 14.95 -35.77 -13.51
CA ALA B 132 15.96 -34.96 -14.20
C ALA B 132 16.74 -35.78 -15.23
N PHE B 133 16.78 -37.10 -15.04
CA PHE B 133 17.44 -37.98 -16.02
C PHE B 133 16.64 -38.07 -17.31
N TYR B 134 15.31 -38.05 -17.21
CA TYR B 134 14.44 -38.15 -18.40
C TYR B 134 13.87 -36.83 -18.93
N TYR B 135 13.81 -35.81 -18.06
CA TYR B 135 13.15 -34.55 -18.38
C TYR B 135 13.97 -33.33 -18.08
N LYS B 136 13.83 -32.31 -18.94
CA LYS B 136 14.30 -30.97 -18.66
C LYS B 136 13.11 -30.14 -18.14
N PRO B 137 13.22 -29.61 -16.90
CA PRO B 137 12.20 -28.67 -16.44
C PRO B 137 12.37 -27.29 -17.09
N ILE B 138 11.29 -26.73 -17.61
CA ILE B 138 11.34 -25.41 -18.22
C ILE B 138 10.33 -24.48 -17.56
N LYS B 139 10.80 -23.32 -17.12
CA LYS B 139 9.94 -22.26 -16.60
C LYS B 139 9.36 -21.49 -17.79
N THR B 140 8.05 -21.61 -17.98
CA THR B 140 7.39 -21.01 -19.14
C THR B 140 7.25 -19.50 -18.97
N LEU B 141 7.38 -19.04 -17.72
CA LEU B 141 7.22 -17.63 -17.35
C LEU B 141 5.77 -17.17 -17.35
N ASN B 142 4.86 -18.03 -17.76
CA ASN B 142 3.47 -17.80 -17.44
C ASN B 142 3.22 -18.13 -15.98
N GLY B 143 3.38 -17.12 -15.14
CA GLY B 143 3.48 -17.30 -13.70
C GLY B 143 4.56 -18.31 -13.35
N HIS B 144 4.26 -19.17 -12.39
CA HIS B 144 5.25 -20.10 -11.86
C HIS B 144 5.12 -21.47 -12.49
N GLU B 145 4.48 -21.52 -13.66
CA GLU B 145 4.30 -22.76 -14.39
C GLU B 145 5.65 -23.40 -14.72
N ILE B 146 5.75 -24.70 -14.46
CA ILE B 146 6.88 -25.48 -14.91
C ILE B 146 6.40 -26.57 -15.85
N LYS B 147 7.06 -26.68 -16.99
CA LYS B 147 6.72 -27.70 -17.99
C LYS B 147 7.92 -28.66 -18.15
N PHE B 148 7.63 -29.95 -18.12
CA PHE B 148 8.69 -30.95 -18.21
C PHE B 148 8.77 -31.46 -19.63
N ILE B 149 9.93 -31.25 -20.25
CA ILE B 149 10.12 -31.65 -21.62
C ILE B 149 11.04 -32.86 -21.67
N ARG B 150 10.65 -33.84 -22.46
CA ARG B 150 11.47 -35.03 -22.71
C ARG B 150 12.88 -34.57 -23.10
N LYS B 151 13.88 -35.11 -22.42
CA LYS B 151 15.26 -34.59 -22.51
C LYS B 151 15.83 -34.65 -23.93
N GLU B 152 15.55 -35.73 -24.64
CA GLU B 152 16.01 -35.90 -26.02
C GLU B 152 15.34 -34.90 -26.96
N GLU B 153 14.05 -34.66 -26.75
CA GLU B 153 13.33 -33.62 -27.49
C GLU B 153 13.95 -32.26 -27.25
N TYR B 154 14.31 -31.99 -25.99
CA TYR B 154 14.90 -30.71 -25.64
C TYR B 154 16.28 -30.54 -26.26
N ILE B 155 17.11 -31.57 -26.14
CA ILE B 155 18.46 -31.53 -26.71
C ILE B 155 18.40 -31.41 -28.24
N SER B 156 17.50 -32.17 -28.84
CA SER B 156 17.19 -32.02 -30.27
C SER B 156 16.86 -30.56 -30.61
N PHE B 157 16.02 -29.94 -29.78
CA PHE B 157 15.64 -28.53 -29.94
C PHE B 157 16.81 -27.58 -29.69
N GLU B 158 17.56 -27.83 -28.61
CA GLU B 158 18.72 -27.01 -28.24
C GLU B 158 19.79 -27.00 -29.34
N SER B 159 19.92 -28.12 -30.06
CA SER B 159 20.94 -28.25 -31.10
C SER B 159 20.53 -27.56 -32.41
N LYS B 160 19.26 -27.68 -32.77
CA LYS B 160 18.70 -26.99 -33.94
C LYS B 160 18.92 -25.49 -33.84
N VAL B 161 18.76 -24.95 -32.63
CA VAL B 161 18.93 -23.53 -32.38
C VAL B 161 20.42 -23.16 -32.30
N PHE B 162 21.20 -24.05 -31.70
CA PHE B 162 22.66 -23.90 -31.66
C PHE B 162 23.23 -23.80 -33.07
N HIS B 163 22.64 -24.55 -34.01
CA HIS B 163 23.10 -24.56 -35.39
C HIS B 163 22.57 -23.44 -36.26
N LYS B 164 21.64 -22.66 -35.71
CA LYS B 164 21.16 -21.43 -36.37
C LYS B 164 21.91 -20.21 -35.85
N LEU B 165 22.16 -20.18 -34.54
CA LEU B 165 23.04 -19.19 -33.93
C LEU B 165 24.44 -19.37 -34.46
N LYS B 166 24.73 -20.59 -34.92
CA LYS B 166 25.97 -20.92 -35.62
C LYS B 166 26.00 -20.25 -36.99
N LYS B 167 25.21 -20.77 -37.93
CA LYS B 167 25.27 -20.29 -39.32
C LYS B 167 24.52 -18.99 -39.54
N MET B 168 24.49 -18.16 -38.50
CA MET B 168 24.16 -16.75 -38.64
C MET B 168 25.15 -15.97 -37.77
N LYS B 169 25.09 -14.65 -37.83
CA LYS B 169 26.09 -13.80 -37.18
C LYS B 169 26.24 -14.08 -35.67
N TYR B 170 25.19 -14.63 -35.08
CA TYR B 170 24.93 -14.54 -33.64
C TYR B 170 26.00 -15.10 -32.70
N LEU B 171 26.54 -16.27 -33.03
CA LEU B 171 27.49 -16.95 -32.17
C LEU B 171 28.78 -17.35 -32.90
N VAL B 172 29.89 -16.74 -32.50
CA VAL B 172 31.20 -17.03 -33.09
C VAL B 172 32.17 -17.57 -32.04
N GLU B 173 32.62 -18.81 -32.22
CA GLU B 173 33.59 -19.42 -31.31
C GLU B 173 34.94 -18.70 -31.37
N VAL B 174 35.67 -18.67 -30.25
CA VAL B 174 37.02 -18.07 -30.22
C VAL B 174 37.94 -18.73 -29.17
N GLN B 175 38.54 -19.87 -29.54
CA GLN B 175 39.50 -20.62 -28.69
C GLN B 175 38.98 -21.01 -27.30
N ASP B 176 39.87 -21.58 -26.49
CA ASP B 176 39.52 -22.12 -25.17
C ASP B 176 40.63 -21.84 -24.15
N GLU B 177 40.30 -21.61 -22.87
CA GLU B 177 38.93 -21.42 -22.35
C GLU B 177 38.98 -20.69 -20.99
N VAL B 178 40.11 -20.05 -20.70
CA VAL B 178 40.42 -19.60 -19.34
C VAL B 178 39.74 -18.27 -18.94
N LYS B 179 38.74 -17.85 -19.72
CA LYS B 179 37.92 -16.65 -19.39
C LYS B 179 36.55 -16.64 -20.09
N PRO B 180 35.56 -17.38 -19.53
CA PRO B 180 34.26 -17.55 -20.17
C PRO B 180 33.21 -16.52 -19.72
N ARG B 181 33.01 -16.39 -18.41
CA ARG B 181 32.09 -15.40 -17.81
C ARG B 181 30.69 -15.92 -17.46
N GLY B 182 30.02 -16.50 -18.46
CA GLY B 182 28.66 -17.02 -18.26
C GLY B 182 28.30 -18.16 -19.19
N VAL B 183 27.34 -18.97 -18.79
CA VAL B 183 26.89 -20.10 -19.60
C VAL B 183 25.62 -19.79 -20.40
N LEU B 184 25.68 -20.08 -21.70
CA LEU B 184 24.55 -19.84 -22.61
C LEU B 184 23.46 -20.88 -22.40
N ASN B 185 22.22 -20.41 -22.21
CA ASN B 185 21.06 -21.29 -22.17
C ASN B 185 20.09 -20.98 -23.30
N ILE B 186 19.66 -22.01 -24.01
CA ILE B 186 18.60 -21.88 -24.99
C ILE B 186 17.31 -22.32 -24.32
N ILE B 187 16.48 -21.35 -23.95
CA ILE B 187 15.16 -21.63 -23.40
C ILE B 187 14.13 -21.62 -24.53
N PRO B 188 13.30 -22.67 -24.64
CA PRO B 188 12.20 -22.67 -25.60
C PRO B 188 11.16 -21.64 -25.21
N LYS B 189 10.50 -21.05 -26.22
CA LYS B 189 9.42 -20.10 -26.00
C LYS B 189 8.20 -20.46 -26.86
N GLN B 190 7.14 -19.67 -26.76
CA GLN B 190 5.93 -19.87 -27.56
C GLN B 190 6.25 -19.88 -29.05
N ASP B 191 6.47 -21.09 -29.60
CA ASP B 191 6.79 -21.29 -31.03
C ASP B 191 8.20 -20.82 -31.42
N ASN B 192 8.95 -20.27 -30.47
CA ASN B 192 10.32 -19.80 -30.72
C ASN B 192 11.32 -20.15 -29.60
N PHE B 193 12.42 -19.40 -29.56
CA PHE B 193 13.45 -19.61 -28.52
C PHE B 193 13.91 -18.30 -27.89
N ARG B 194 14.81 -18.41 -26.92
CA ARG B 194 15.32 -17.26 -26.19
C ARG B 194 16.69 -17.62 -25.61
N ALA B 195 17.73 -16.90 -26.03
CA ALA B 195 19.10 -17.16 -25.61
C ALA B 195 19.50 -16.28 -24.41
N ILE B 196 19.64 -16.88 -23.24
CA ILE B 196 20.04 -16.15 -22.02
C ILE B 196 21.38 -16.63 -21.46
N VAL B 197 21.96 -15.84 -20.55
CA VAL B 197 23.24 -16.18 -19.91
C VAL B 197 23.14 -16.27 -18.38
N SER B 198 23.96 -17.12 -17.80
CA SER B 198 24.02 -17.28 -16.34
C SER B 198 25.38 -16.85 -15.79
N ILE B 199 25.35 -16.14 -14.67
CA ILE B 199 26.56 -15.54 -14.07
C ILE B 199 27.22 -16.51 -13.08
N PHE B 200 28.41 -16.15 -12.59
CA PHE B 200 29.21 -17.04 -11.72
C PHE B 200 28.58 -17.41 -10.36
N PRO B 201 28.28 -16.41 -9.50
CA PRO B 201 28.43 -14.96 -9.62
C PRO B 201 29.67 -14.42 -8.87
N ASP B 202 29.76 -13.09 -8.80
CA ASP B 202 30.77 -12.37 -8.00
C ASP B 202 32.20 -12.39 -8.59
N SER B 203 32.34 -11.87 -9.81
CA SER B 203 33.65 -11.56 -10.39
C SER B 203 33.70 -10.06 -10.70
N ALA B 204 34.78 -9.40 -10.27
CA ALA B 204 34.87 -7.94 -10.28
C ALA B 204 33.76 -7.26 -9.44
N ARG B 205 33.33 -7.98 -8.39
CA ARG B 205 32.34 -7.48 -7.39
C ARG B 205 30.89 -7.43 -7.87
N LYS B 206 29.97 -7.78 -6.97
CA LYS B 206 28.53 -7.75 -7.26
C LYS B 206 27.88 -6.38 -6.94
N PRO B 207 28.43 -5.62 -5.97
CA PRO B 207 27.96 -4.24 -5.77
C PRO B 207 28.46 -3.27 -6.86
N PHE B 208 29.47 -3.70 -7.63
CA PHE B 208 30.00 -2.89 -8.73
C PHE B 208 29.02 -2.82 -9.91
N PHE B 209 28.17 -3.83 -10.02
CA PHE B 209 27.11 -3.84 -11.05
C PHE B 209 25.91 -2.99 -10.63
N LYS B 210 25.64 -2.95 -9.32
CA LYS B 210 24.56 -2.13 -8.79
C LYS B 210 24.95 -0.65 -8.75
N LEU B 211 26.26 -0.38 -8.67
CA LEU B 211 26.78 0.99 -8.70
C LEU B 211 26.62 1.63 -10.08
N LEU B 212 27.00 0.89 -11.12
CA LEU B 212 26.91 1.37 -12.50
C LEU B 212 25.48 1.47 -12.99
N THR B 213 24.66 0.48 -12.64
CA THR B 213 23.25 0.45 -13.08
C THR B 213 22.44 1.62 -12.51
N SER B 214 22.70 1.96 -11.25
CA SER B 214 21.98 3.04 -10.58
C SER B 214 22.32 4.40 -11.18
N LYS B 215 23.60 4.61 -11.49
CA LYS B 215 24.06 5.88 -12.07
C LYS B 215 23.61 6.06 -13.53
N ILE B 216 23.44 4.95 -14.24
CA ILE B 216 22.89 4.98 -15.61
C ILE B 216 21.39 5.29 -15.59
N TYR B 217 20.71 4.89 -14.53
CA TYR B 217 19.30 5.26 -14.33
C TYR B 217 19.14 6.76 -14.07
N LYS B 218 20.20 7.40 -13.59
CA LYS B 218 20.22 8.85 -13.41
C LYS B 218 20.39 9.56 -14.76
N VAL B 219 21.30 9.05 -15.59
CA VAL B 219 21.52 9.55 -16.94
C VAL B 219 20.31 9.26 -17.83
N LEU B 220 19.62 8.15 -17.54
CA LEU B 220 18.43 7.72 -18.27
C LEU B 220 17.31 8.76 -18.26
N GLU B 221 17.32 9.63 -17.25
CA GLU B 221 16.32 10.69 -17.14
C GLU B 221 16.88 12.07 -16.77
N GLU B 222 18.15 12.31 -17.10
CA GLU B 222 18.73 13.65 -17.02
C GLU B 222 18.76 14.27 -18.40
N LYS B 223 19.25 13.51 -19.37
CA LYS B 223 19.24 13.94 -20.76
C LYS B 223 17.98 13.44 -21.45
N TYR B 224 17.05 12.92 -20.64
CA TYR B 224 15.79 12.34 -21.13
C TYR B 224 14.60 12.74 -20.26
N LYS B 225 13.42 12.78 -20.87
CA LYS B 225 12.28 13.50 -20.30
C LYS B 225 11.30 12.62 -19.49
N THR B 226 10.31 13.28 -18.88
CA THR B 226 9.27 12.62 -18.09
C THR B 226 8.27 11.85 -18.97
N SER B 227 8.32 10.52 -18.88
CA SER B 227 7.39 9.64 -19.57
C SER B 227 5.96 10.14 -19.46
N GLY B 228 5.53 10.41 -18.22
CA GLY B 228 4.12 10.47 -17.91
C GLY B 228 3.64 9.04 -17.75
N SER B 229 2.93 8.77 -16.66
CA SER B 229 2.38 7.45 -16.42
C SER B 229 1.30 7.17 -17.46
N LEU B 230 1.18 5.89 -17.82
CA LEU B 230 0.17 5.41 -18.75
C LEU B 230 -1.20 5.97 -18.40
N TYR B 231 -1.53 5.91 -17.11
CA TYR B 231 -2.80 6.44 -16.62
C TYR B 231 -2.99 7.89 -17.02
N THR B 232 -2.00 8.72 -16.70
CA THR B 232 -2.10 10.16 -16.96
C THR B 232 -2.23 10.43 -18.46
N CYS B 233 -1.43 9.72 -19.25
CA CYS B 233 -1.47 9.83 -20.71
C CYS B 233 -2.83 9.46 -21.29
N TRP B 234 -3.42 8.36 -20.81
CA TRP B 234 -4.72 7.92 -21.32
C TRP B 234 -5.81 8.82 -20.83
N SER B 235 -5.66 9.30 -19.60
CA SER B 235 -6.66 10.20 -19.03
C SER B 235 -6.72 11.54 -19.79
N GLU B 236 -5.58 12.21 -19.89
CA GLU B 236 -5.52 13.49 -20.61
C GLU B 236 -6.02 13.32 -22.05
N PHE B 237 -5.50 12.30 -22.73
CA PHE B 237 -5.85 12.03 -24.13
C PHE B 237 -7.35 11.88 -24.36
N THR B 238 -8.02 11.06 -23.56
CA THR B 238 -9.44 10.77 -23.79
C THR B 238 -10.36 11.96 -23.50
N GLN B 239 -10.04 12.72 -22.45
CA GLN B 239 -10.85 13.87 -22.03
C GLN B 239 -10.82 15.03 -23.03
N LYS B 240 -9.76 15.11 -23.82
CA LYS B 240 -9.64 16.17 -24.82
C LYS B 240 -9.95 15.72 -26.25
N THR B 241 -10.29 14.44 -26.42
CA THR B 241 -10.58 13.91 -27.75
C THR B 241 -12.02 13.47 -27.85
N GLN B 242 -12.82 14.23 -28.58
CA GLN B 242 -14.26 14.01 -28.64
C GLN B 242 -14.65 13.08 -29.78
N GLY B 243 -13.84 13.05 -30.84
CA GLY B 243 -14.10 12.18 -31.98
C GLY B 243 -13.66 10.75 -31.77
N GLN B 244 -13.81 9.94 -32.83
CA GLN B 244 -13.36 8.56 -32.84
C GLN B 244 -11.84 8.50 -32.70
N ILE B 245 -11.36 7.69 -31.76
CA ILE B 245 -9.93 7.46 -31.58
C ILE B 245 -9.49 6.31 -32.50
N TYR B 246 -8.38 6.53 -33.19
CA TYR B 246 -7.70 5.45 -33.90
C TYR B 246 -6.40 5.19 -33.18
N GLY B 247 -5.92 3.97 -33.25
CA GLY B 247 -4.77 3.56 -32.46
C GLY B 247 -4.12 2.29 -32.97
N ILE B 248 -2.86 2.11 -32.61
CA ILE B 248 -2.13 0.91 -32.95
C ILE B 248 -1.21 0.50 -31.80
N LYS B 249 -1.08 -0.81 -31.59
CA LYS B 249 0.00 -1.33 -30.77
C LYS B 249 0.96 -2.09 -31.68
N VAL B 250 2.25 -1.88 -31.45
CA VAL B 250 3.27 -2.56 -32.22
C VAL B 250 4.23 -3.28 -31.27
N ASP B 251 4.58 -4.51 -31.64
CA ASP B 251 5.47 -5.33 -30.83
C ASP B 251 6.85 -5.31 -31.46
N ILE B 252 7.83 -4.78 -30.73
CA ILE B 252 9.20 -4.75 -31.20
C ILE B 252 9.82 -6.15 -31.06
N ARG B 253 10.26 -6.72 -32.19
CA ARG B 253 10.90 -8.03 -32.16
C ARG B 253 12.34 -7.90 -31.65
N ASP B 254 12.66 -8.73 -30.66
CA ASP B 254 14.01 -8.83 -30.07
C ASP B 254 14.68 -7.48 -29.84
N ALA B 255 14.17 -6.73 -28.87
CA ALA B 255 14.72 -5.41 -28.54
C ALA B 255 16.19 -5.49 -28.16
N TYR B 256 16.50 -6.42 -27.24
CA TYR B 256 17.86 -6.60 -26.73
C TYR B 256 18.83 -7.01 -27.84
N GLY B 257 18.38 -7.91 -28.71
CA GLY B 257 19.22 -8.42 -29.79
C GLY B 257 19.40 -7.49 -30.96
N ASN B 258 18.48 -6.54 -31.14
CA ASN B 258 18.54 -5.62 -32.27
C ASN B 258 19.23 -4.30 -31.96
N VAL B 259 19.77 -4.19 -30.74
CA VAL B 259 20.61 -3.07 -30.36
C VAL B 259 21.84 -3.05 -31.27
N LYS B 260 21.91 -2.04 -32.13
CA LYS B 260 23.10 -1.79 -32.94
C LYS B 260 24.22 -1.33 -32.00
N ILE B 261 25.12 -2.25 -31.69
CA ILE B 261 26.20 -2.03 -30.73
C ILE B 261 27.09 -0.81 -31.05
N PRO B 262 27.55 -0.67 -32.32
CA PRO B 262 28.36 0.51 -32.63
C PRO B 262 27.64 1.82 -32.30
N VAL B 263 26.32 1.86 -32.49
CA VAL B 263 25.53 3.06 -32.19
C VAL B 263 25.35 3.29 -30.68
N LEU B 264 25.25 2.21 -29.90
CA LEU B 264 25.15 2.31 -28.43
C LEU B 264 26.45 2.79 -27.78
N CYS B 265 27.58 2.41 -28.37
CA CYS B 265 28.89 2.84 -27.87
C CYS B 265 29.08 4.35 -28.05
N LYS B 266 28.62 4.88 -29.19
CA LYS B 266 28.67 6.31 -29.46
C LYS B 266 27.73 7.09 -28.54
N LEU B 267 26.92 6.34 -27.78
CA LEU B 267 25.93 6.91 -26.87
C LEU B 267 26.48 6.96 -25.44
N ILE B 268 27.16 5.88 -25.04
CA ILE B 268 27.79 5.81 -23.73
C ILE B 268 29.00 6.76 -23.66
N GLN B 269 29.68 6.90 -24.79
CA GLN B 269 30.77 7.87 -24.93
C GLN B 269 30.24 9.32 -24.84
N SER B 270 29.05 9.54 -25.40
CA SER B 270 28.43 10.87 -25.42
C SER B 270 28.06 11.36 -24.02
N ILE B 271 27.59 10.46 -23.16
CA ILE B 271 27.17 10.80 -21.81
C ILE B 271 28.10 11.84 -21.18
N PRO B 272 27.57 13.04 -20.87
CA PRO B 272 28.35 14.09 -20.22
C PRO B 272 29.17 13.52 -19.06
N THR B 273 30.48 13.71 -19.12
CA THR B 273 31.41 13.09 -18.17
C THR B 273 31.13 13.45 -16.71
N HIS B 274 30.54 14.63 -16.51
CA HIS B 274 30.20 15.09 -15.16
C HIS B 274 29.05 14.34 -14.54
N LEU B 275 28.73 13.18 -15.11
CA LEU B 275 27.69 12.31 -14.56
C LEU B 275 28.24 10.92 -14.28
N LEU B 276 28.55 10.17 -15.34
CA LEU B 276 29.09 8.83 -15.20
C LEU B 276 30.58 8.87 -14.88
N ASP B 277 31.41 8.71 -15.91
CA ASP B 277 32.88 8.70 -15.75
C ASP B 277 33.55 8.66 -17.12
N SER B 278 34.77 9.19 -17.20
CA SER B 278 35.56 9.14 -18.42
C SER B 278 36.08 7.72 -18.68
N GLU B 279 36.42 7.01 -17.62
CA GLU B 279 37.06 5.69 -17.73
C GLU B 279 36.13 4.52 -17.40
N LYS B 280 35.13 4.76 -16.56
CA LYS B 280 34.11 3.74 -16.25
C LYS B 280 33.12 3.62 -17.41
N LYS B 281 33.02 4.67 -18.22
CA LYS B 281 32.36 4.59 -19.52
C LYS B 281 33.07 3.56 -20.39
N ASN B 282 34.41 3.65 -20.45
CA ASN B 282 35.22 2.74 -21.25
C ASN B 282 35.16 1.29 -20.78
N PHE B 283 34.79 1.09 -19.52
CA PHE B 283 34.53 -0.26 -19.00
C PHE B 283 33.29 -0.85 -19.65
N ILE B 284 32.26 -0.01 -19.85
CA ILE B 284 31.01 -0.44 -20.47
C ILE B 284 31.14 -0.57 -21.99
N VAL B 285 31.91 0.33 -22.60
CA VAL B 285 32.09 0.36 -24.06
C VAL B 285 32.41 -1.03 -24.63
N ASP B 286 33.47 -1.65 -24.12
CA ASP B 286 33.92 -2.95 -24.64
C ASP B 286 33.35 -4.16 -23.88
N HIS B 287 32.66 -3.90 -22.77
CA HIS B 287 31.89 -4.94 -22.08
C HIS B 287 30.75 -5.41 -22.93
N ILE B 288 30.31 -4.57 -23.86
CA ILE B 288 29.22 -4.89 -24.78
C ILE B 288 29.76 -5.45 -26.09
N SER B 289 30.90 -4.92 -26.54
CA SER B 289 31.56 -5.38 -27.76
C SER B 289 32.16 -6.77 -27.58
N ASN B 290 32.65 -7.05 -26.37
CA ASN B 290 33.27 -8.35 -26.08
C ASN B 290 32.42 -9.17 -25.11
N GLN B 291 31.26 -9.61 -25.58
CA GLN B 291 30.41 -10.50 -24.81
C GLN B 291 30.68 -11.95 -25.18
N PHE B 292 31.42 -12.66 -24.33
CA PHE B 292 31.78 -14.05 -24.59
C PHE B 292 31.14 -15.00 -23.57
N VAL B 293 30.65 -16.13 -24.07
CA VAL B 293 29.90 -17.08 -23.26
C VAL B 293 30.39 -18.50 -23.44
N ALA B 294 30.18 -19.33 -22.41
CA ALA B 294 30.47 -20.75 -22.50
C ALA B 294 29.21 -21.53 -22.85
N PHE B 295 29.32 -22.46 -23.79
CA PHE B 295 28.20 -23.31 -24.15
C PHE B 295 28.49 -24.76 -23.80
N ARG B 296 28.83 -25.56 -24.81
CA ARG B 296 29.13 -26.97 -24.58
C ARG B 296 30.63 -27.17 -24.43
N ARG B 297 31.14 -26.80 -23.25
CA ARG B 297 32.57 -26.88 -22.91
C ARG B 297 33.46 -25.98 -23.78
N LYS B 298 32.85 -25.03 -24.48
CA LYS B 298 33.56 -24.14 -25.40
C LYS B 298 33.14 -22.68 -25.26
N ILE B 299 34.07 -21.77 -25.56
CA ILE B 299 33.81 -20.33 -25.48
C ILE B 299 33.33 -19.76 -26.82
N TYR B 300 32.22 -19.03 -26.77
CA TYR B 300 31.67 -18.37 -27.95
C TYR B 300 31.51 -16.86 -27.71
N LYS B 301 31.59 -16.08 -28.79
CA LYS B 301 31.38 -14.63 -28.72
C LYS B 301 29.96 -14.26 -29.19
N TRP B 302 29.25 -13.52 -28.35
CA TRP B 302 27.93 -13.01 -28.68
C TRP B 302 28.05 -11.58 -29.11
N ASN B 303 27.78 -11.35 -30.40
CA ASN B 303 27.88 -10.01 -30.97
C ASN B 303 26.55 -9.53 -31.55
N HIS B 304 25.49 -10.25 -31.22
CA HIS B 304 24.14 -9.86 -31.64
C HIS B 304 23.49 -9.02 -30.58
N GLY B 305 23.82 -7.72 -30.60
CA GLY B 305 23.32 -6.76 -29.63
C GLY B 305 23.70 -7.14 -28.21
N LEU B 306 22.84 -6.78 -27.27
CA LEU B 306 23.01 -7.18 -25.89
C LEU B 306 22.47 -8.58 -25.66
N LEU B 307 23.01 -9.25 -24.64
CA LEU B 307 22.51 -10.54 -24.19
C LEU B 307 21.41 -10.33 -23.17
N GLN B 308 20.28 -11.00 -23.38
CA GLN B 308 19.30 -11.14 -22.31
C GLN B 308 19.91 -11.99 -21.20
N GLY B 309 20.27 -11.37 -20.08
CA GLY B 309 20.87 -12.09 -18.96
C GLY B 309 21.93 -11.31 -18.19
N ASP B 310 22.71 -10.52 -18.91
CA ASP B 310 23.70 -9.64 -18.27
C ASP B 310 23.02 -8.60 -17.39
N PRO B 311 23.43 -8.50 -16.12
CA PRO B 311 22.86 -7.56 -15.15
C PRO B 311 22.82 -6.10 -15.64
N LEU B 312 23.63 -5.77 -16.65
CA LEU B 312 23.69 -4.40 -17.18
C LEU B 312 22.99 -4.22 -18.52
N SER B 313 22.20 -5.22 -18.94
CA SER B 313 21.51 -5.17 -20.22
C SER B 313 20.20 -4.39 -20.14
N GLY B 314 19.45 -4.61 -19.06
CA GLY B 314 18.14 -3.98 -18.88
C GLY B 314 18.18 -2.47 -18.96
N CYS B 315 19.19 -1.89 -18.29
CA CYS B 315 19.35 -0.44 -18.21
C CYS B 315 19.83 0.17 -19.52
N LEU B 316 20.80 -0.50 -20.16
CA LEU B 316 21.39 -0.02 -21.41
C LEU B 316 20.40 -0.08 -22.56
N CYS B 317 19.55 -1.09 -22.56
CA CYS B 317 18.47 -1.21 -23.54
C CYS B 317 17.49 -0.06 -23.39
N GLU B 318 17.21 0.33 -22.15
CA GLU B 318 16.36 1.49 -21.88
C GLU B 318 17.03 2.77 -22.36
N LEU B 319 18.32 2.90 -22.06
CA LEU B 319 19.13 4.04 -22.48
C LEU B 319 19.16 4.18 -24.00
N TYR B 320 19.40 3.08 -24.68
CA TYR B 320 19.37 3.03 -26.14
C TYR B 320 17.99 3.41 -26.65
N MET B 321 16.97 2.85 -26.00
CA MET B 321 15.57 3.05 -26.40
C MET B 321 15.12 4.50 -26.18
N ALA B 322 15.42 5.04 -24.99
CA ALA B 322 15.13 6.43 -24.66
C ALA B 322 15.88 7.37 -25.60
N PHE B 323 17.00 6.91 -26.15
CA PHE B 323 17.74 7.66 -27.15
C PHE B 323 17.04 7.64 -28.50
N MET B 324 16.58 6.46 -28.92
CA MET B 324 15.86 6.34 -30.20
C MET B 324 14.40 6.76 -30.09
N ASP B 325 13.96 7.12 -28.89
CA ASP B 325 12.62 7.68 -28.68
C ASP B 325 12.65 9.19 -28.77
N ARG B 326 13.66 9.80 -28.14
CA ARG B 326 13.93 11.23 -28.26
C ARG B 326 14.20 11.59 -29.72
N LEU B 327 14.84 10.68 -30.44
CA LEU B 327 15.23 10.89 -31.82
C LEU B 327 14.05 10.80 -32.79
N TYR B 328 13.24 9.74 -32.66
CA TYR B 328 12.21 9.43 -33.67
C TYR B 328 10.79 9.73 -33.22
N PHE B 329 10.54 9.66 -31.92
CA PHE B 329 9.17 9.68 -31.42
C PHE B 329 8.86 10.84 -30.48
N SER B 330 9.88 11.66 -30.20
CA SER B 330 9.76 12.79 -29.26
C SER B 330 8.72 13.84 -29.71
N ASN B 331 8.90 14.38 -30.91
CA ASN B 331 8.13 15.54 -31.37
C ASN B 331 6.99 15.16 -32.32
N LEU B 332 6.25 14.11 -31.98
CA LEU B 332 5.32 13.47 -32.92
C LEU B 332 3.96 14.16 -33.11
N ASP B 333 3.60 15.03 -32.18
CA ASP B 333 2.29 15.66 -32.15
C ASP B 333 1.87 15.79 -30.70
N LYS B 334 2.10 16.97 -30.12
CA LYS B 334 1.76 17.23 -28.72
C LYS B 334 0.40 16.62 -28.32
N ASP B 335 -0.52 16.57 -29.28
CA ASP B 335 -1.92 16.21 -29.03
C ASP B 335 -2.26 14.76 -29.36
N ALA B 336 -1.26 13.97 -29.74
CA ALA B 336 -1.44 12.53 -29.90
C ALA B 336 -1.06 11.80 -28.61
N PHE B 337 -1.58 10.58 -28.45
CA PHE B 337 -1.20 9.70 -27.36
C PHE B 337 -0.09 8.76 -27.79
N ILE B 338 0.96 8.67 -26.97
CA ILE B 338 2.07 7.76 -27.23
C ILE B 338 2.58 7.23 -25.90
N HIS B 339 2.90 5.95 -25.87
CA HIS B 339 3.48 5.37 -24.68
C HIS B 339 4.26 4.19 -25.07
N ARG B 340 5.35 3.93 -24.34
CA ARG B 340 6.31 2.91 -24.70
C ARG B 340 6.75 2.02 -23.53
N THR B 341 7.12 0.80 -23.87
CA THR B 341 8.01 0.00 -23.05
C THR B 341 9.20 -0.37 -23.94
N VAL B 342 10.04 -1.29 -23.47
CA VAL B 342 11.11 -1.84 -24.33
C VAL B 342 10.51 -2.60 -25.50
N ASP B 343 9.40 -3.29 -25.25
CA ASP B 343 8.84 -4.25 -26.19
C ASP B 343 7.64 -3.68 -26.98
N ASP B 344 6.92 -2.73 -26.37
CA ASP B 344 5.65 -2.25 -26.92
C ASP B 344 5.67 -0.77 -27.20
N TYR B 345 5.07 -0.40 -28.33
CA TYR B 345 4.68 0.99 -28.56
C TYR B 345 3.18 1.07 -28.76
N PHE B 346 2.58 2.10 -28.18
CA PHE B 346 1.16 2.29 -28.25
C PHE B 346 0.91 3.75 -28.61
N PHE B 347 0.19 3.97 -29.70
CA PHE B 347 0.02 5.31 -30.26
C PHE B 347 -1.43 5.52 -30.70
N CYS B 348 -2.00 6.66 -30.34
CA CYS B 348 -3.40 6.96 -30.72
C CYS B 348 -3.57 8.39 -31.21
N SER B 349 -4.44 8.56 -32.20
CA SER B 349 -4.82 9.88 -32.71
C SER B 349 -6.26 9.87 -33.23
N PRO B 350 -6.97 11.01 -33.09
CA PRO B 350 -8.25 11.18 -33.77
C PRO B 350 -8.08 11.26 -35.30
N HIS B 351 -6.83 11.40 -35.74
CA HIS B 351 -6.51 11.47 -37.16
C HIS B 351 -5.92 10.16 -37.63
N PRO B 352 -6.71 9.38 -38.38
CA PRO B 352 -6.31 8.04 -38.80
C PRO B 352 -5.02 8.00 -39.58
N HIS B 353 -4.77 9.01 -40.42
CA HIS B 353 -3.56 9.06 -41.23
C HIS B 353 -2.32 9.16 -40.38
N LYS B 354 -2.44 9.84 -39.24
CA LYS B 354 -1.33 10.00 -38.31
C LYS B 354 -0.95 8.66 -37.67
N VAL B 355 -1.93 7.75 -37.58
CA VAL B 355 -1.69 6.41 -37.06
C VAL B 355 -0.98 5.53 -38.10
N TYR B 356 -1.36 5.67 -39.38
CA TYR B 356 -0.64 5.02 -40.49
C TYR B 356 0.82 5.46 -40.52
N ASP B 357 1.04 6.77 -40.41
CA ASP B 357 2.37 7.36 -40.48
C ASP B 357 3.27 6.84 -39.37
N PHE B 358 2.72 6.78 -38.16
CA PHE B 358 3.45 6.20 -37.02
C PHE B 358 3.85 4.77 -37.31
N GLU B 359 2.90 3.97 -37.82
CA GLU B 359 3.17 2.59 -38.14
C GLU B 359 4.34 2.49 -39.11
N LEU B 360 4.31 3.32 -40.16
CA LEU B 360 5.41 3.43 -41.10
C LEU B 360 6.71 3.78 -40.39
N LEU B 361 6.69 4.87 -39.62
CA LEU B 361 7.87 5.34 -38.87
C LEU B 361 8.51 4.24 -38.03
N ILE B 362 7.71 3.56 -37.22
CA ILE B 362 8.21 2.55 -36.29
C ILE B 362 8.76 1.34 -37.03
N LYS B 363 8.16 1.00 -38.18
CA LYS B 363 8.62 -0.14 -38.96
C LYS B 363 9.99 0.09 -39.60
N GLY B 364 10.31 1.37 -39.86
CA GLY B 364 11.64 1.73 -40.35
C GLY B 364 12.68 1.71 -39.26
N VAL B 365 12.26 1.97 -38.02
CA VAL B 365 13.19 2.08 -36.90
C VAL B 365 13.49 0.74 -36.23
N TYR B 366 12.44 -0.04 -35.98
CA TYR B 366 12.61 -1.33 -35.29
C TYR B 366 12.13 -2.50 -36.13
N GLN B 367 12.58 -3.70 -35.78
CA GLN B 367 11.96 -4.92 -36.30
C GLN B 367 10.65 -5.14 -35.56
N VAL B 368 9.59 -5.36 -36.31
CA VAL B 368 8.27 -5.61 -35.71
C VAL B 368 7.75 -7.03 -36.00
N ASN B 369 6.91 -7.54 -35.12
CA ASN B 369 6.13 -8.73 -35.42
C ASN B 369 4.75 -8.32 -35.93
N PRO B 370 4.56 -8.32 -37.27
CA PRO B 370 3.33 -7.79 -37.90
C PRO B 370 2.07 -8.52 -37.46
N THR B 371 2.22 -9.80 -37.09
CA THR B 371 1.14 -10.62 -36.54
C THR B 371 0.71 -10.14 -35.14
N LYS B 372 1.64 -9.52 -34.42
CA LYS B 372 1.38 -9.01 -33.06
C LYS B 372 0.76 -7.60 -33.07
N THR B 373 0.57 -7.05 -34.26
CA THR B 373 0.02 -5.70 -34.39
C THR B 373 -1.50 -5.69 -34.17
N ARG B 374 -1.96 -4.80 -33.28
CA ARG B 374 -3.40 -4.59 -33.07
C ARG B 374 -3.78 -3.15 -33.36
N THR B 375 -4.88 -2.98 -34.09
CA THR B 375 -5.34 -1.67 -34.53
C THR B 375 -6.82 -1.66 -34.92
N ASN B 376 -7.47 -0.52 -34.80
CA ASN B 376 -8.84 -0.37 -35.31
C ASN B 376 -8.89 0.27 -36.71
N LEU B 377 -7.75 0.29 -37.39
CA LEU B 377 -7.65 0.89 -38.72
C LEU B 377 -8.38 0.06 -39.79
N PRO B 378 -9.28 0.70 -40.56
CA PRO B 378 -10.08 0.03 -41.61
C PRO B 378 -9.24 -0.78 -42.59
N THR B 379 -8.00 -0.33 -42.83
CA THR B 379 -7.03 -1.05 -43.67
C THR B 379 -6.94 -2.54 -43.35
N HIS B 380 -6.69 -2.86 -42.08
CA HIS B 380 -6.20 -4.18 -41.67
C HIS B 380 -7.19 -5.28 -41.86
N ARG B 381 -6.68 -6.50 -42.00
CA ARG B 381 -7.50 -7.69 -42.16
C ARG B 381 -8.51 -7.83 -41.03
N HIS B 382 -8.03 -7.76 -39.79
CA HIS B 382 -8.89 -7.90 -38.62
C HIS B 382 -8.76 -6.73 -37.66
N PRO B 383 -9.43 -5.60 -37.98
CA PRO B 383 -9.41 -4.44 -37.08
C PRO B 383 -10.14 -4.70 -35.76
N GLN B 384 -9.60 -4.15 -34.67
CA GLN B 384 -10.13 -4.37 -33.33
C GLN B 384 -10.28 -3.05 -32.60
N ASP B 385 -11.35 -2.94 -31.81
CA ASP B 385 -11.52 -1.78 -30.95
C ASP B 385 -10.68 -1.89 -29.68
N GLU B 386 -10.46 -3.13 -29.23
CA GLU B 386 -9.78 -3.37 -27.98
C GLU B 386 -8.36 -3.81 -28.24
N ILE B 387 -7.40 -3.06 -27.71
CA ILE B 387 -6.00 -3.41 -27.90
C ILE B 387 -5.32 -3.68 -26.56
N PRO B 388 -4.60 -4.80 -26.46
CA PRO B 388 -3.93 -5.12 -25.20
C PRO B 388 -2.58 -4.41 -25.11
N TYR B 389 -2.37 -3.69 -24.01
CA TYR B 389 -1.11 -3.00 -23.77
C TYR B 389 -0.85 -2.94 -22.28
N CYS B 390 0.37 -3.28 -21.89
CA CYS B 390 0.79 -3.24 -20.48
C CYS B 390 -0.21 -3.87 -19.50
N GLY B 391 -0.66 -5.08 -19.82
CA GLY B 391 -1.55 -5.84 -18.94
C GLY B 391 -2.94 -5.24 -18.83
N LYS B 392 -3.26 -4.35 -19.76
CA LYS B 392 -4.56 -3.72 -19.81
C LYS B 392 -5.16 -3.94 -21.19
N ILE B 393 -6.49 -3.85 -21.27
CA ILE B 393 -7.17 -3.73 -22.55
C ILE B 393 -7.82 -2.35 -22.70
N PHE B 394 -7.43 -1.63 -23.74
CA PHE B 394 -7.97 -0.31 -24.05
C PHE B 394 -8.99 -0.41 -25.19
N ASN B 395 -10.22 0.01 -24.94
CA ASN B 395 -11.21 0.10 -26.00
C ASN B 395 -11.15 1.49 -26.64
N LEU B 396 -10.80 1.54 -27.92
CA LEU B 396 -10.56 2.83 -28.57
C LEU B 396 -11.82 3.65 -28.77
N THR B 397 -12.96 2.96 -28.87
CA THR B 397 -14.24 3.61 -29.09
C THR B 397 -14.86 4.09 -27.78
N THR B 398 -15.03 3.17 -26.83
CA THR B 398 -15.69 3.48 -25.56
C THR B 398 -14.75 4.11 -24.53
N ARG B 399 -13.44 3.97 -24.78
CA ARG B 399 -12.39 4.51 -23.89
C ARG B 399 -12.29 3.76 -22.56
N GLN B 400 -13.06 2.68 -22.43
CA GLN B 400 -13.03 1.84 -21.24
C GLN B 400 -11.73 1.05 -21.15
N VAL B 401 -11.22 0.89 -19.93
CA VAL B 401 -10.02 0.09 -19.68
C VAL B 401 -10.31 -1.05 -18.69
N ARG B 402 -9.96 -2.27 -19.10
CA ARG B 402 -10.15 -3.48 -18.34
C ARG B 402 -8.78 -4.11 -18.11
N THR B 403 -8.67 -4.96 -17.10
CA THR B 403 -7.43 -5.71 -16.86
C THR B 403 -7.34 -6.86 -17.85
N LEU B 404 -6.13 -7.14 -18.32
CA LEU B 404 -5.91 -8.22 -19.26
C LEU B 404 -5.60 -9.49 -18.50
N TYR B 405 -6.34 -10.55 -18.81
CA TYR B 405 -6.03 -11.81 -18.18
C TYR B 405 -5.44 -12.84 -19.13
N LYS B 406 -4.12 -13.02 -19.00
CA LYS B 406 -3.40 -14.24 -19.43
C LYS B 406 -4.06 -14.98 -20.64
N LEU B 407 -4.78 -16.12 -20.48
CA LEU B 407 -4.51 -17.30 -19.65
C LEU B 407 -4.66 -18.48 -20.65
N PRO B 408 -3.54 -19.06 -21.14
CA PRO B 408 -3.61 -20.00 -22.27
C PRO B 408 -4.50 -21.24 -21.99
N PRO B 409 -4.94 -21.93 -23.06
CA PRO B 409 -5.82 -23.11 -22.97
C PRO B 409 -5.31 -24.19 -22.01
N ASN B 410 -6.21 -24.73 -21.18
CA ASN B 410 -5.87 -25.78 -20.20
C ASN B 410 -4.73 -25.37 -19.27
N TYR B 411 -4.59 -24.07 -19.00
CA TYR B 411 -3.63 -23.61 -18.01
C TYR B 411 -4.10 -24.01 -16.61
N GLU B 412 -3.18 -24.48 -15.79
CA GLU B 412 -3.49 -24.78 -14.41
C GLU B 412 -3.31 -23.52 -13.57
N ILE B 413 -4.42 -23.03 -13.07
CA ILE B 413 -4.47 -21.69 -12.51
C ILE B 413 -3.60 -21.58 -11.23
N ARG B 414 -3.40 -22.72 -10.56
CA ARG B 414 -2.55 -22.77 -9.37
C ARG B 414 -1.13 -22.26 -9.65
N HIS B 415 -0.69 -22.36 -10.90
CA HIS B 415 0.65 -21.84 -11.29
C HIS B 415 0.78 -20.34 -11.13
N LYS B 416 -0.33 -19.61 -11.22
CA LYS B 416 -0.30 -18.14 -11.02
C LYS B 416 0.15 -17.71 -9.61
N PHE B 417 0.07 -18.61 -8.64
CA PHE B 417 0.15 -18.20 -7.24
C PHE B 417 1.41 -18.70 -6.54
N LYS B 418 1.88 -17.93 -5.57
CA LYS B 418 2.99 -18.32 -4.74
C LYS B 418 2.53 -18.46 -3.30
N LEU B 419 2.18 -19.68 -2.90
CA LEU B 419 1.67 -19.92 -1.56
C LEU B 419 2.75 -20.20 -0.54
N TRP B 420 3.92 -20.63 -1.02
CA TRP B 420 5.01 -21.11 -0.17
C TRP B 420 6.16 -20.20 -0.30
N ASN B 421 6.69 -19.75 0.83
CA ASN B 421 7.88 -18.94 0.84
C ASN B 421 8.89 -19.60 1.75
N PHE B 422 10.00 -20.05 1.17
CA PHE B 422 10.99 -20.83 1.90
C PHE B 422 11.72 -20.00 2.95
N ASN B 423 11.63 -18.68 2.82
CA ASN B 423 12.25 -17.73 3.76
C ASN B 423 11.30 -17.28 4.87
N ASN B 424 10.03 -17.70 4.79
CA ASN B 424 9.04 -17.35 5.79
C ASN B 424 8.04 -18.48 5.99
N GLN B 425 8.51 -19.56 6.62
CA GLN B 425 7.78 -20.85 6.67
C GLN B 425 6.74 -20.88 7.78
N ILE B 426 5.66 -21.63 7.53
CA ILE B 426 4.51 -21.68 8.41
C ILE B 426 4.32 -23.13 8.84
N SER B 427 4.32 -23.39 10.15
CA SER B 427 4.28 -24.79 10.62
C SER B 427 2.97 -25.45 10.23
N ASP B 428 2.97 -26.78 10.19
CA ASP B 428 1.82 -27.52 9.70
C ASP B 428 0.57 -27.38 10.55
N ASP B 429 0.71 -26.80 11.74
CA ASP B 429 -0.43 -26.61 12.64
C ASP B 429 -0.97 -25.18 12.66
N ASN B 430 -0.50 -24.35 11.74
CA ASN B 430 -1.06 -23.03 11.54
C ASN B 430 -1.65 -22.83 10.14
N PRO B 431 -2.68 -23.62 9.79
CA PRO B 431 -3.35 -23.43 8.50
C PRO B 431 -4.01 -22.05 8.33
N ALA B 432 -4.63 -21.53 9.39
CA ALA B 432 -5.26 -20.20 9.33
C ALA B 432 -4.27 -19.08 8.91
N ARG B 433 -3.06 -19.13 9.45
CA ARG B 433 -2.03 -18.18 9.05
C ARG B 433 -1.69 -18.27 7.54
N PHE B 434 -1.55 -19.50 7.06
CA PHE B 434 -1.28 -19.77 5.64
C PHE B 434 -2.39 -19.20 4.76
N LEU B 435 -3.64 -19.50 5.11
CA LEU B 435 -4.78 -18.98 4.38
C LEU B 435 -4.84 -17.45 4.42
N GLN B 436 -4.64 -16.88 5.61
CA GLN B 436 -4.62 -15.44 5.75
C GLN B 436 -3.51 -14.82 4.93
N LYS B 437 -2.31 -15.37 5.04
CA LYS B 437 -1.18 -14.87 4.25
C LYS B 437 -1.51 -14.89 2.75
N ALA B 438 -2.21 -15.93 2.32
CA ALA B 438 -2.53 -16.03 0.90
C ALA B 438 -3.61 -15.04 0.42
N MET B 439 -4.38 -14.50 1.36
CA MET B 439 -5.43 -13.51 1.00
C MET B 439 -4.96 -12.05 1.10
N ASP B 440 -3.80 -11.83 1.74
CA ASP B 440 -3.06 -10.55 1.67
C ASP B 440 -3.04 -9.92 0.26
N PHE B 441 -3.10 -8.59 0.25
CA PHE B 441 -3.28 -7.75 -0.95
C PHE B 441 -2.17 -7.79 -2.04
N PRO B 442 -0.88 -7.71 -1.65
CA PRO B 442 0.24 -7.57 -2.61
C PRO B 442 0.13 -8.31 -3.95
N PHE B 443 -0.22 -9.60 -3.92
CA PHE B 443 -0.21 -10.46 -5.12
C PHE B 443 -1.13 -9.99 -6.26
N ILE B 444 -2.23 -9.31 -5.89
CA ILE B 444 -3.22 -8.84 -6.90
C ILE B 444 -3.38 -7.31 -6.97
N CYS B 445 -2.38 -6.58 -6.44
CA CYS B 445 -2.41 -5.11 -6.44
C CYS B 445 -2.44 -4.50 -7.86
N ASN B 446 -1.96 -5.26 -8.84
CA ASN B 446 -2.02 -4.82 -10.25
C ASN B 446 -3.39 -5.00 -10.93
N SER B 447 -4.35 -5.56 -10.20
CA SER B 447 -5.75 -5.54 -10.59
C SER B 447 -6.52 -4.49 -9.79
N PHE B 448 -5.80 -3.75 -8.95
CA PHE B 448 -6.38 -2.78 -8.03
C PHE B 448 -5.78 -1.40 -8.18
N THR B 449 -5.63 -0.97 -9.43
CA THR B 449 -4.99 0.28 -9.71
C THR B 449 -6.05 1.31 -10.05
N LYS B 450 -5.59 2.54 -10.29
CA LYS B 450 -6.45 3.60 -10.78
C LYS B 450 -7.10 3.21 -12.12
N PHE B 451 -6.40 2.40 -12.90
CA PHE B 451 -6.93 1.94 -14.18
C PHE B 451 -8.22 1.16 -14.05
N GLU B 452 -8.34 0.40 -12.96
CA GLU B 452 -9.53 -0.40 -12.75
C GLU B 452 -10.67 0.37 -12.08
N PHE B 453 -10.32 1.24 -11.12
CA PHE B 453 -11.30 1.81 -10.21
C PHE B 453 -11.70 3.26 -10.48
N ASN B 454 -11.01 3.91 -11.42
CA ASN B 454 -11.34 5.30 -11.73
C ASN B 454 -12.72 5.43 -12.34
N THR B 455 -13.33 6.60 -12.16
CA THR B 455 -14.55 6.93 -12.86
C THR B 455 -14.35 8.25 -13.60
N VAL B 456 -13.14 8.46 -14.09
CA VAL B 456 -12.81 9.56 -15.00
C VAL B 456 -13.19 9.13 -16.43
N PHE B 457 -12.41 8.24 -17.01
CA PHE B 457 -12.76 7.65 -18.31
C PHE B 457 -13.63 6.36 -18.20
N ASN B 458 -13.44 5.58 -17.13
CA ASN B 458 -14.24 4.35 -16.91
C ASN B 458 -15.65 4.62 -16.39
N ASP B 459 -16.63 3.93 -16.95
CA ASP B 459 -17.97 3.90 -16.36
C ASP B 459 -17.93 3.10 -15.04
N GLN B 460 -18.91 3.35 -14.19
CA GLN B 460 -19.10 2.61 -12.96
C GLN B 460 -19.27 1.11 -13.23
N ARG B 461 -20.00 0.76 -14.28
CA ARG B 461 -20.22 -0.64 -14.60
C ARG B 461 -18.96 -1.34 -15.04
N THR B 462 -18.03 -0.56 -15.59
CA THR B 462 -16.74 -1.05 -15.98
C THR B 462 -15.89 -1.33 -14.74
N VAL B 463 -16.01 -0.45 -13.75
CA VAL B 463 -15.30 -0.63 -12.49
C VAL B 463 -15.81 -1.88 -11.78
N PHE B 464 -17.13 -2.06 -11.76
CA PHE B 464 -17.71 -3.29 -11.21
C PHE B 464 -17.20 -4.57 -11.95
N ALA B 465 -17.13 -4.55 -13.28
CA ALA B 465 -16.55 -5.69 -14.02
C ALA B 465 -15.09 -5.96 -13.61
N ASN B 466 -14.29 -4.90 -13.62
CA ASN B 466 -12.91 -5.01 -13.19
C ASN B 466 -12.83 -5.63 -11.81
N PHE B 467 -13.69 -5.19 -10.90
CA PHE B 467 -13.64 -5.68 -9.53
C PHE B 467 -14.08 -7.14 -9.44
N TYR B 468 -15.14 -7.50 -10.14
CA TYR B 468 -15.57 -8.89 -10.21
C TYR B 468 -14.42 -9.79 -10.71
N ASP B 469 -13.84 -9.43 -11.84
CA ASP B 469 -12.70 -10.18 -12.41
C ASP B 469 -11.57 -10.40 -11.36
N ALA B 470 -11.06 -9.31 -10.78
CA ALA B 470 -10.02 -9.41 -9.74
C ALA B 470 -10.43 -10.37 -8.59
N MET B 471 -11.70 -10.34 -8.19
CA MET B 471 -12.19 -11.22 -7.10
C MET B 471 -12.32 -12.72 -7.52
N ILE B 472 -12.61 -12.97 -8.81
CA ILE B 472 -12.52 -14.31 -9.37
C ILE B 472 -11.08 -14.84 -9.16
N CYS B 473 -10.06 -14.04 -9.54
CA CYS B 473 -8.66 -14.42 -9.33
C CYS B 473 -8.36 -14.70 -7.86
N VAL B 474 -8.83 -13.85 -6.97
CA VAL B 474 -8.65 -14.06 -5.52
C VAL B 474 -9.32 -15.35 -5.08
N ALA B 475 -10.46 -15.66 -5.68
CA ALA B 475 -11.19 -16.87 -5.35
C ALA B 475 -10.44 -18.13 -5.85
N TYR B 476 -9.87 -18.06 -7.04
CA TYR B 476 -9.05 -19.16 -7.53
C TYR B 476 -7.81 -19.38 -6.63
N LYS B 477 -7.21 -18.29 -6.14
CA LYS B 477 -6.11 -18.42 -5.19
C LYS B 477 -6.61 -19.05 -3.88
N PHE B 478 -7.81 -18.65 -3.44
CA PHE B 478 -8.46 -19.24 -2.28
C PHE B 478 -8.59 -20.73 -2.45
N ASP B 479 -9.06 -21.15 -3.62
CA ASP B 479 -9.29 -22.54 -3.86
C ASP B 479 -7.94 -23.31 -3.87
N ALA B 480 -6.90 -22.68 -4.44
CA ALA B 480 -5.54 -23.24 -4.46
C ALA B 480 -4.93 -23.38 -3.05
N ALA B 481 -5.15 -22.38 -2.21
CA ALA B 481 -4.78 -22.47 -0.79
C ALA B 481 -5.54 -23.64 -0.13
N MET B 482 -6.81 -23.82 -0.49
CA MET B 482 -7.63 -24.88 0.12
C MET B 482 -7.02 -26.23 -0.17
N MET B 483 -6.55 -26.43 -1.40
CA MET B 483 -6.01 -27.73 -1.80
C MET B 483 -4.74 -28.00 -1.01
N ALA B 484 -3.93 -26.96 -0.85
CA ALA B 484 -2.73 -27.05 -0.06
C ALA B 484 -3.05 -27.33 1.41
N LEU B 485 -4.15 -26.79 1.91
CA LEU B 485 -4.54 -26.98 3.30
C LEU B 485 -4.85 -28.47 3.49
N ARG B 486 -5.52 -29.04 2.50
CA ARG B 486 -5.88 -30.45 2.51
C ARG B 486 -4.67 -31.39 2.38
N THR B 487 -3.77 -31.10 1.44
CA THR B 487 -2.70 -32.05 1.05
C THR B 487 -1.41 -31.92 1.86
N SER B 488 -1.10 -30.72 2.31
CA SER B 488 0.17 -30.52 3.04
C SER B 488 0.00 -30.23 4.53
N PHE B 489 -1.01 -29.44 4.90
CA PHE B 489 -1.27 -29.19 6.32
C PHE B 489 -2.13 -30.32 6.88
N LEU B 490 -2.74 -31.07 5.98
CA LEU B 490 -3.62 -32.19 6.31
C LEU B 490 -4.84 -31.79 7.17
N VAL B 491 -5.69 -30.89 6.66
CA VAL B 491 -6.71 -30.24 7.53
C VAL B 491 -7.91 -31.09 8.05
N ASN B 492 -8.72 -31.64 7.16
CA ASN B 492 -9.98 -32.37 7.57
C ASN B 492 -11.14 -31.46 8.02
N ASP B 493 -10.91 -30.61 9.02
CA ASP B 493 -11.95 -29.72 9.58
C ASP B 493 -11.81 -28.25 9.12
N PHE B 494 -12.65 -27.86 8.16
CA PHE B 494 -12.47 -26.57 7.50
C PHE B 494 -13.29 -25.40 8.10
N GLY B 495 -13.83 -25.60 9.29
CA GLY B 495 -14.67 -24.62 9.96
C GLY B 495 -14.08 -23.21 10.02
N PHE B 496 -12.81 -23.11 10.44
CA PHE B 496 -12.12 -21.82 10.61
C PHE B 496 -12.04 -21.00 9.32
N ILE B 497 -12.26 -21.66 8.18
CA ILE B 497 -12.21 -21.00 6.88
C ILE B 497 -13.29 -19.91 6.73
N TRP B 498 -14.46 -20.15 7.33
CA TRP B 498 -15.58 -19.22 7.20
C TRP B 498 -15.20 -17.81 7.60
N LEU B 499 -14.61 -17.65 8.78
CA LEU B 499 -14.32 -16.31 9.27
C LEU B 499 -13.20 -15.62 8.52
N VAL B 500 -12.19 -16.38 8.09
CA VAL B 500 -11.12 -15.83 7.23
C VAL B 500 -11.72 -15.36 5.90
N LEU B 501 -12.50 -16.24 5.27
CA LEU B 501 -13.22 -15.92 4.05
C LEU B 501 -14.04 -14.64 4.20
N SER B 502 -14.89 -14.57 5.23
CA SER B 502 -15.68 -13.35 5.53
C SER B 502 -14.85 -12.09 5.67
N SER B 503 -13.79 -12.15 6.49
CA SER B 503 -12.80 -11.05 6.60
C SER B 503 -12.21 -10.63 5.27
N THR B 504 -11.91 -11.60 4.42
CA THR B 504 -11.29 -11.33 3.12
C THR B 504 -12.25 -10.51 2.27
N VAL B 505 -13.47 -10.99 2.10
CA VAL B 505 -14.51 -10.25 1.35
C VAL B 505 -14.66 -8.81 1.91
N ARG B 506 -14.70 -8.69 3.23
CA ARG B 506 -14.77 -7.37 3.83
C ARG B 506 -13.56 -6.50 3.45
N ALA B 507 -12.36 -7.09 3.48
CA ALA B 507 -11.12 -6.36 3.21
C ALA B 507 -11.03 -5.88 1.78
N TYR B 508 -11.36 -6.77 0.85
CA TYR B 508 -11.26 -6.44 -0.53
C TYR B 508 -12.30 -5.41 -0.92
N ALA B 509 -13.51 -5.56 -0.38
CA ALA B 509 -14.58 -4.59 -0.61
C ALA B 509 -14.20 -3.21 -0.15
N SER B 510 -13.54 -3.15 0.99
CA SER B 510 -13.08 -1.90 1.55
C SER B 510 -11.99 -1.27 0.70
N ARG B 511 -11.01 -2.07 0.27
CA ARG B 511 -9.94 -1.53 -0.56
C ARG B 511 -10.52 -1.00 -1.87
N ALA B 512 -11.44 -1.75 -2.46
CA ALA B 512 -12.13 -1.25 -3.65
C ALA B 512 -12.89 0.05 -3.36
N PHE B 513 -13.55 0.12 -2.20
CA PHE B 513 -14.33 1.31 -1.87
C PHE B 513 -13.44 2.55 -1.82
N LYS B 514 -12.29 2.42 -1.14
CA LYS B 514 -11.31 3.51 -1.03
C LYS B 514 -10.74 3.95 -2.39
N LYS B 515 -10.37 2.98 -3.21
CA LYS B 515 -9.79 3.27 -4.52
C LYS B 515 -10.80 4.02 -5.40
N ILE B 516 -12.06 3.61 -5.31
CA ILE B 516 -13.12 4.19 -6.09
C ILE B 516 -13.33 5.65 -5.70
N VAL B 517 -13.25 5.92 -4.39
CA VAL B 517 -13.41 7.28 -3.88
C VAL B 517 -12.24 8.14 -4.35
N THR B 518 -11.02 7.65 -4.12
CA THR B 518 -9.80 8.35 -4.52
C THR B 518 -9.76 8.77 -6.00
N TYR B 519 -10.20 7.88 -6.88
CA TYR B 519 -10.08 8.11 -8.30
C TYR B 519 -11.43 8.37 -8.93
N LYS B 520 -12.31 8.97 -8.14
CA LYS B 520 -13.64 9.36 -8.57
C LYS B 520 -13.57 10.44 -9.64
N GLY B 521 -14.40 10.31 -10.66
CA GLY B 521 -14.48 11.30 -11.71
C GLY B 521 -15.90 11.57 -12.12
N GLY B 522 -16.08 12.28 -13.24
CA GLY B 522 -17.40 12.73 -13.67
C GLY B 522 -18.41 11.63 -13.97
N LYS B 523 -17.93 10.40 -14.12
CA LYS B 523 -18.78 9.27 -14.55
C LYS B 523 -19.28 8.45 -13.36
N TYR B 524 -18.85 8.84 -12.17
CA TYR B 524 -19.28 8.18 -10.95
C TYR B 524 -20.77 8.35 -10.80
N ARG B 525 -21.49 7.27 -10.45
CA ARG B 525 -22.91 7.41 -10.12
C ARG B 525 -23.13 7.24 -8.62
N LYS B 526 -22.95 6.01 -8.14
CA LYS B 526 -23.16 5.68 -6.73
C LYS B 526 -22.68 4.27 -6.43
N VAL B 527 -21.63 4.19 -5.62
CA VAL B 527 -21.05 2.93 -5.23
C VAL B 527 -21.13 2.79 -3.71
N THR B 528 -21.84 1.77 -3.23
CA THR B 528 -21.88 1.43 -1.81
C THR B 528 -20.94 0.27 -1.48
N PHE B 529 -20.55 0.18 -0.21
CA PHE B 529 -19.83 -0.94 0.31
C PHE B 529 -20.60 -2.24 0.09
N GLN B 530 -21.89 -2.22 0.42
CA GLN B 530 -22.78 -3.34 0.24
C GLN B 530 -22.74 -3.89 -1.17
N CYS B 531 -22.72 -3.00 -2.16
CA CYS B 531 -22.77 -3.43 -3.55
C CYS B 531 -21.50 -4.17 -3.93
N LEU B 532 -20.37 -3.60 -3.51
CA LEU B 532 -19.05 -4.17 -3.70
C LEU B 532 -18.92 -5.52 -3.02
N LYS B 533 -19.46 -5.63 -1.82
CA LYS B 533 -19.36 -6.87 -1.07
C LYS B 533 -20.16 -7.97 -1.76
N SER B 534 -21.26 -7.59 -2.40
CA SER B 534 -22.08 -8.57 -3.14
C SER B 534 -21.37 -9.07 -4.40
N ILE B 535 -20.68 -8.17 -5.08
CA ILE B 535 -19.86 -8.57 -6.24
C ILE B 535 -18.75 -9.54 -5.80
N ALA B 536 -18.13 -9.27 -4.65
CA ALA B 536 -17.08 -10.15 -4.13
C ALA B 536 -17.60 -11.54 -3.81
N TRP B 537 -18.73 -11.63 -3.11
CA TRP B 537 -19.31 -12.93 -2.82
C TRP B 537 -19.66 -13.67 -4.10
N ARG B 538 -20.08 -12.93 -5.13
CA ARG B 538 -20.48 -13.59 -6.39
C ARG B 538 -19.28 -14.18 -7.07
N ALA B 539 -18.13 -13.50 -6.98
CA ALA B 539 -16.90 -13.98 -7.59
C ALA B 539 -16.45 -15.28 -6.93
N PHE B 540 -16.55 -15.33 -5.60
CA PHE B 540 -16.23 -16.55 -4.85
C PHE B 540 -17.20 -17.69 -5.21
N LEU B 541 -18.51 -17.36 -5.30
CA LEU B 541 -19.51 -18.36 -5.66
C LEU B 541 -19.23 -19.01 -7.00
N ALA B 542 -18.77 -18.21 -7.96
CA ALA B 542 -18.66 -18.69 -9.32
C ALA B 542 -17.48 -19.68 -9.43
N VAL B 543 -16.52 -19.49 -8.54
CA VAL B 543 -15.35 -20.37 -8.47
C VAL B 543 -15.65 -21.60 -7.62
N LEU B 544 -16.29 -21.41 -6.48
CA LEU B 544 -16.53 -22.48 -5.57
C LEU B 544 -17.44 -23.53 -6.20
N LYS B 545 -18.34 -23.07 -7.08
CA LYS B 545 -19.28 -23.93 -7.81
C LYS B 545 -18.61 -24.96 -8.69
N ARG B 546 -17.37 -24.68 -9.08
CA ARG B 546 -16.59 -25.65 -9.86
C ARG B 546 -16.26 -26.92 -9.08
N ARG B 547 -16.41 -26.88 -7.75
CA ARG B 547 -16.28 -28.08 -6.91
C ARG B 547 -17.49 -28.17 -5.97
N THR B 548 -18.68 -28.22 -6.55
CA THR B 548 -19.91 -28.19 -5.76
C THR B 548 -19.94 -29.32 -4.73
N GLU B 549 -19.22 -30.40 -5.02
CA GLU B 549 -19.16 -31.54 -4.12
C GLU B 549 -18.39 -31.20 -2.83
N ILE B 550 -17.18 -30.70 -3.00
CA ILE B 550 -16.34 -30.26 -1.90
C ILE B 550 -16.97 -29.02 -1.17
N TYR B 551 -17.42 -28.04 -1.95
CA TYR B 551 -17.76 -26.73 -1.39
C TYR B 551 -19.27 -26.47 -1.15
N LYS B 552 -20.10 -27.47 -1.47
CA LYS B 552 -21.55 -27.44 -1.17
C LYS B 552 -21.95 -26.64 0.07
N GLY B 553 -21.46 -27.06 1.23
CA GLY B 553 -21.86 -26.45 2.50
C GLY B 553 -21.44 -25.00 2.61
N LEU B 554 -20.30 -24.66 2.00
CA LEU B 554 -19.78 -23.29 2.03
C LEU B 554 -20.64 -22.41 1.10
N ILE B 555 -20.96 -22.95 -0.08
CA ILE B 555 -21.85 -22.31 -1.04
C ILE B 555 -23.22 -21.98 -0.43
N ASP B 556 -23.79 -22.94 0.28
CA ASP B 556 -25.09 -22.78 0.94
C ASP B 556 -25.02 -21.77 2.06
N ARG B 557 -23.96 -21.80 2.85
CA ARG B 557 -23.78 -20.77 3.85
C ARG B 557 -23.73 -19.36 3.22
N ILE B 558 -22.96 -19.19 2.16
CA ILE B 558 -22.89 -17.87 1.53
C ILE B 558 -24.29 -17.40 1.13
N LYS B 559 -25.05 -18.29 0.50
CA LYS B 559 -26.39 -17.94 -0.02
C LYS B 559 -27.42 -17.65 1.07
N SER B 560 -27.29 -18.30 2.21
CA SER B 560 -28.24 -18.07 3.28
C SER B 560 -27.86 -16.92 4.18
N ARG B 561 -26.57 -16.55 4.21
CA ARG B 561 -26.09 -15.59 5.21
C ARG B 561 -25.72 -14.24 4.61
N GLU B 562 -25.37 -14.24 3.31
CA GLU B 562 -24.90 -13.02 2.65
C GLU B 562 -25.84 -12.44 1.60
N LYS B 563 -25.76 -11.13 1.49
CA LYS B 563 -26.48 -10.40 0.50
C LYS B 563 -25.78 -10.54 -0.86
N LEU B 564 -26.40 -11.28 -1.77
CA LEU B 564 -25.86 -11.49 -3.14
C LEU B 564 -26.49 -10.61 -4.20
N THR B 565 -27.64 -10.02 -3.89
CA THR B 565 -28.32 -9.13 -4.83
C THR B 565 -27.86 -7.68 -4.65
N MET B 566 -27.81 -6.93 -5.73
CA MET B 566 -27.33 -5.57 -5.68
C MET B 566 -28.06 -4.67 -6.67
N LYS B 567 -28.19 -3.41 -6.30
CA LYS B 567 -28.84 -2.42 -7.14
C LYS B 567 -27.81 -1.77 -8.06
N PHE B 568 -28.11 -1.77 -9.36
CA PHE B 568 -27.28 -1.08 -10.35
C PHE B 568 -27.81 0.33 -10.67
N HIS B 569 -26.96 1.19 -11.20
CA HIS B 569 -27.34 2.57 -11.50
C HIS B 569 -27.08 2.96 -12.91
N ASP B 570 -26.79 1.98 -13.75
CA ASP B 570 -26.61 2.21 -15.16
C ASP B 570 -27.44 1.22 -15.95
N GLY B 571 -28.41 1.75 -16.71
CA GLY B 571 -29.25 0.90 -17.56
C GLY B 571 -28.46 0.10 -18.59
N GLU B 572 -27.18 0.41 -18.73
CA GLU B 572 -26.36 -0.20 -19.77
C GLU B 572 -25.52 -1.35 -19.22
N VAL B 573 -25.55 -1.54 -17.91
CA VAL B 573 -24.86 -2.66 -17.29
C VAL B 573 -25.26 -3.96 -17.95
N ASP B 574 -24.29 -4.87 -18.07
CA ASP B 574 -24.60 -6.25 -18.35
C ASP B 574 -24.70 -6.98 -17.02
N ALA B 575 -25.92 -7.06 -16.52
CA ALA B 575 -26.18 -7.73 -15.24
C ALA B 575 -25.74 -9.18 -15.29
N SER B 576 -25.79 -9.77 -16.48
CA SER B 576 -25.52 -11.19 -16.63
C SER B 576 -24.06 -11.55 -16.35
N TYR B 577 -23.17 -10.57 -16.45
CA TYR B 577 -21.75 -10.75 -16.16
C TYR B 577 -21.51 -11.32 -14.77
N PHE B 578 -22.40 -11.01 -13.84
CA PHE B 578 -22.15 -11.34 -12.44
C PHE B 578 -22.81 -12.66 -12.00
N CYS B 579 -23.49 -13.31 -12.95
CA CYS B 579 -24.20 -14.56 -12.71
C CYS B 579 -23.27 -15.78 -12.79
N LYS B 580 -22.13 -15.62 -13.48
CA LYS B 580 -21.35 -16.76 -13.98
C LYS B 580 -19.83 -16.50 -14.00
N LEU B 581 -19.05 -17.56 -14.10
CA LEU B 581 -17.65 -17.43 -14.54
C LEU B 581 -17.62 -16.74 -15.88
N PRO B 582 -16.90 -15.61 -16.00
CA PRO B 582 -16.64 -15.08 -17.32
C PRO B 582 -15.82 -16.07 -18.14
N GLU B 583 -16.12 -16.17 -19.43
CA GLU B 583 -15.47 -17.14 -20.31
C GLU B 583 -13.91 -17.20 -20.25
N LYS B 584 -13.26 -16.06 -20.05
CA LYS B 584 -11.80 -16.05 -19.95
C LYS B 584 -11.27 -16.76 -18.70
N PHE B 585 -12.16 -16.99 -17.72
CA PHE B 585 -11.80 -17.68 -16.47
C PHE B 585 -12.50 -19.05 -16.37
N ARG B 586 -13.28 -19.40 -17.37
CA ARG B 586 -14.21 -20.52 -17.23
C ARG B 586 -13.56 -21.89 -17.39
N PHE B 587 -12.45 -21.97 -18.14
CA PHE B 587 -11.88 -23.27 -18.51
C PHE B 587 -10.43 -23.48 -18.07
N VAL B 588 -9.94 -22.63 -17.18
CA VAL B 588 -8.65 -22.87 -16.54
C VAL B 588 -8.75 -24.19 -15.79
N LYS B 589 -7.71 -25.00 -15.88
CA LYS B 589 -7.70 -26.27 -15.16
C LYS B 589 -7.53 -26.06 -13.68
N ILE B 590 -8.26 -26.82 -12.89
CA ILE B 590 -8.12 -26.75 -11.44
C ILE B 590 -7.81 -28.12 -10.80
N ASN B 591 -7.56 -29.12 -11.62
CA ASN B 591 -7.20 -30.44 -11.08
C ASN B 591 -5.76 -30.81 -11.44
N ARG B 592 -4.96 -31.10 -10.41
CA ARG B 592 -3.59 -31.62 -10.59
C ARG B 592 -3.63 -33.04 -11.09
N LYS B 593 -2.81 -33.36 -12.08
CA LYS B 593 -2.46 -34.76 -12.33
C LYS B 593 -1.11 -34.89 -13.04
N ALA B 594 -0.35 -35.94 -12.72
CA ALA B 594 0.93 -36.17 -13.41
C ALA B 594 0.73 -36.62 -14.87
N SER B 595 1.43 -35.98 -15.79
CA SER B 595 1.44 -36.41 -17.19
C SER B 595 2.84 -36.72 -17.73
N ILE B 596 3.76 -37.11 -16.84
CA ILE B 596 5.09 -37.58 -17.22
C ILE B 596 5.57 -38.73 -16.31
C5 55C C . -12.06 -11.32 26.55
C3 55C C . -11.63 -13.59 25.83
C2 55C C . -11.94 -13.20 24.52
C4 55C C . -11.70 -12.64 26.85
N1 55C C . -15.27 -4.87 27.46
O21 55C C . -14.22 -4.48 25.49
C13 55C C . -14.52 -5.22 26.41
C15 55C C . -15.81 -3.61 27.73
C17 55C C . -15.52 -2.50 26.93
C16 55C C . -16.05 -1.26 27.26
C20 55C C . -16.85 -1.11 28.39
C19 55C C . -17.12 -2.22 29.20
C18 55C C . -16.59 -3.47 28.88
C21 55C C . -16.87 -4.65 29.76
O22 55C C . -17.24 -4.45 30.94
O23 55C C . -16.75 -5.81 29.32
C12 55C C . -14.06 -6.63 26.50
C11 55C C . -13.17 -7.24 25.68
C14 55C C . -12.53 -6.53 24.52
C10 55C C . -12.80 -8.67 25.97
C9 55C C . -12.48 -9.05 27.30
C8 55C C . -12.12 -10.37 27.58
C6 55C C . -12.36 -10.95 25.24
C7 55C C . -12.73 -9.62 24.95
C1 55C C . -12.30 -11.88 24.21
C5 55C D . -18.07 -25.57 4.67
C3 55C D . -19.43 -24.42 6.30
C2 55C D . -18.32 -23.66 6.69
C4 55C D . -19.30 -25.37 5.30
N1 55C D . -12.58 -29.09 1.56
O21 55C D . -11.64 -27.01 1.60
C13 55C D . -12.56 -27.79 1.84
C15 55C D . -11.65 -29.89 0.90
C17 55C D . -10.60 -29.34 0.16
C16 55C D . -9.73 -30.18 -0.51
C20 55C D . -9.91 -31.57 -0.48
C19 55C D . -10.96 -32.11 0.25
C18 55C D . -11.85 -31.27 0.93
C21 55C D . -12.99 -31.86 1.70
O22 55C D . -13.66 -31.12 2.48
O23 55C D . -13.27 -33.07 1.56
C12 55C D . -13.82 -27.38 2.51
C11 55C D . -14.23 -26.13 2.77
C14 55C D . -13.37 -24.94 2.46
C10 55C D . -15.58 -25.95 3.43
C9 55C D . -16.70 -26.71 3.03
C8 55C D . -17.94 -26.52 3.65
C6 55C D . -16.97 -24.80 5.06
C7 55C D . -15.73 -25.00 4.45
C1 55C D . -17.09 -23.85 6.07
#